data_5DF1
#
_entry.id   5DF1
#
_cell.length_a   91.940
_cell.length_b   95.470
_cell.length_c   172.210
_cell.angle_alpha   90.000
_cell.angle_beta   90.000
_cell.angle_gamma   90.000
#
_symmetry.space_group_name_H-M   'C 2 2 21'
#
loop_
_entity.id
_entity.type
_entity.pdbx_description
1 polymer 'Iridoid synthase'
2 non-polymer 'NADP NICOTINAMIDE-ADENINE-DINUCLEOTIDE PHOSPHATE'
3 non-polymer '(2E)-3,7-dimethylocta-2,6-dienoic acid'
4 non-polymer 1,2-ETHANEDIOL
5 non-polymer IMIDAZOLE
6 water water
#
_entity_poly.entity_id   1
_entity_poly.type   'polypeptide(L)'
_entity_poly.pdbx_seq_one_letter_code
;GPGVCKSYKSVALVVGVTGIVGSSLAEVLKLPDTPGGPWKVYGVARRPCPVWLAKKPVEYIQCDVSNNQETISKLSPLKD
ITHIFYVSWIGSEDCQTNATMFKNILNSVIPNASNLQHVCLQTGIKHYFGIFEEGSKVVPHDSPFTEDLPRLNVPNFYHD
LEDILYEETGKNNLTWSVHRPALVFGFSPCSMMNIVSTLCVYATICKHENKALVYPGSKNSWNCYADAVDADLVAEHEIW
AAVDPKAKNQVLNCNNGDVFKWKHIWKKLAEEFGIEMVGYVEGKEQVSLAELMKDKDQVWDEIVKKNNLVPTKLKEIAAF
WFADIAFCSENLISSMNKSKELGFLGFRNSMKSFVSCIDKMRDYRFIP
;
_entity_poly.pdbx_strand_id   A,B
#
# COMPACT_ATOMS: atom_id res chain seq x y z
N GLY A 3 3.79 23.38 9.42
CA GLY A 3 3.37 22.13 10.11
C GLY A 3 4.50 21.43 10.85
N VAL A 4 4.23 21.06 12.11
CA VAL A 4 5.18 20.31 12.97
C VAL A 4 5.70 19.04 12.31
N CYS A 5 6.96 18.71 12.58
CA CYS A 5 7.59 17.51 12.00
C CYS A 5 6.70 16.28 12.21
N LYS A 6 6.59 15.45 11.18
CA LYS A 6 5.76 14.24 11.23
C LYS A 6 6.40 13.18 12.15
N SER A 7 5.59 12.54 12.98
CA SER A 7 6.07 11.47 13.87
C SER A 7 6.03 10.13 13.12
N TYR A 8 7.07 9.34 13.32
CA TYR A 8 7.13 7.97 12.86
C TYR A 8 7.58 7.09 14.00
N LYS A 9 7.10 5.86 14.01
CA LYS A 9 7.55 4.90 14.99
C LYS A 9 8.90 4.29 14.55
N SER A 10 9.04 4.04 13.25
CA SER A 10 10.27 3.40 12.74
C SER A 10 10.68 4.07 11.44
N VAL A 11 11.97 3.99 11.12
CA VAL A 11 12.55 4.68 9.97
C VAL A 11 13.46 3.72 9.23
N ALA A 12 13.02 3.32 8.04
CA ALA A 12 13.71 2.32 7.24
C ALA A 12 14.67 2.99 6.26
N LEU A 13 15.87 2.44 6.15
CA LEU A 13 16.73 2.65 4.99
C LEU A 13 16.64 1.39 4.13
N VAL A 14 15.99 1.50 2.97
CA VAL A 14 15.89 0.36 2.01
C VAL A 14 16.96 0.56 0.95
N VAL A 15 17.99 -0.25 1.01
CA VAL A 15 19.11 -0.14 0.06
C VAL A 15 18.87 -1.08 -1.10
N GLY A 16 18.64 -0.50 -2.28
CA GLY A 16 18.09 -1.22 -3.45
C GLY A 16 16.58 -1.09 -3.61
N VAL A 17 16.08 0.15 -3.49
CA VAL A 17 14.64 0.40 -3.47
C VAL A 17 13.93 0.15 -4.83
N THR A 18 14.70 0.15 -5.92
CA THR A 18 14.15 -0.15 -7.25
C THR A 18 14.18 -1.65 -7.59
N GLY A 19 14.77 -2.46 -6.70
CA GLY A 19 14.94 -3.87 -6.91
C GLY A 19 13.69 -4.67 -6.70
N ILE A 20 13.79 -5.97 -6.96
CA ILE A 20 12.61 -6.82 -6.94
C ILE A 20 11.99 -6.96 -5.54
N VAL A 21 12.80 -6.87 -4.49
CA VAL A 21 12.30 -6.87 -3.12
C VAL A 21 12.20 -5.43 -2.58
N GLY A 22 13.22 -4.61 -2.83
CA GLY A 22 13.15 -3.22 -2.43
C GLY A 22 11.88 -2.48 -2.86
N SER A 23 11.38 -2.76 -4.08
CA SER A 23 10.18 -2.11 -4.61
C SER A 23 8.97 -2.56 -3.82
N SER A 24 8.97 -3.83 -3.39
CA SER A 24 7.90 -4.34 -2.53
CA SER A 24 7.89 -4.35 -2.54
C SER A 24 7.94 -3.75 -1.13
N LEU A 25 9.13 -3.65 -0.57
CA LEU A 25 9.32 -2.98 0.73
C LEU A 25 8.80 -1.55 0.70
N ALA A 26 9.05 -0.84 -0.42
CA ALA A 26 8.56 0.52 -0.58
C ALA A 26 7.03 0.59 -0.51
N GLU A 27 6.37 -0.48 -0.91
CA GLU A 27 4.92 -0.54 -0.79
C GLU A 27 4.49 -0.99 0.60
N VAL A 28 5.05 -2.12 1.03
CA VAL A 28 4.59 -2.80 2.24
C VAL A 28 4.85 -1.98 3.49
N LEU A 29 6.03 -1.37 3.57
CA LEU A 29 6.36 -0.53 4.73
C LEU A 29 5.40 0.62 4.99
N LYS A 30 4.70 1.10 3.95
CA LYS A 30 3.86 2.26 4.04
C LYS A 30 2.41 1.90 4.28
N LEU A 31 2.08 0.61 4.35
CA LEU A 31 0.71 0.22 4.66
C LEU A 31 0.39 0.54 6.12
N PRO A 32 -0.87 0.87 6.42
CA PRO A 32 -1.21 1.30 7.78
C PRO A 32 -1.03 0.22 8.84
N ASP A 33 -1.25 -1.06 8.52
CA ASP A 33 -1.18 -2.14 9.52
C ASP A 33 0.15 -2.87 9.58
N THR A 34 1.14 -2.36 8.87
CA THR A 34 2.44 -3.03 8.88
C THR A 34 3.08 -2.97 10.26
N PRO A 35 3.55 -4.12 10.77
CA PRO A 35 4.25 -4.13 12.05
C PRO A 35 5.38 -3.10 12.10
N GLY A 36 5.50 -2.40 13.23
CA GLY A 36 6.53 -1.37 13.42
C GLY A 36 6.17 0.01 12.91
N GLY A 37 4.96 0.15 12.34
CA GLY A 37 4.53 1.38 11.70
C GLY A 37 3.97 2.33 12.73
N PRO A 38 3.79 3.61 12.37
CA PRO A 38 4.03 4.14 11.03
C PRO A 38 5.51 4.23 10.66
N TRP A 39 5.83 3.77 9.45
CA TRP A 39 7.21 3.81 8.90
C TRP A 39 7.42 4.98 7.99
N LYS A 40 8.57 5.62 8.17
CA LYS A 40 9.17 6.51 7.19
C LYS A 40 10.19 5.69 6.41
N VAL A 41 10.25 5.90 5.08
CA VAL A 41 11.11 5.12 4.21
C VAL A 41 12.06 5.98 3.40
N TYR A 42 13.36 5.78 3.62
CA TYR A 42 14.39 6.25 2.71
C TYR A 42 14.70 5.11 1.75
N GLY A 43 14.64 5.39 0.45
CA GLY A 43 14.91 4.39 -0.58
C GLY A 43 16.13 4.80 -1.37
N VAL A 44 17.15 3.93 -1.37
CA VAL A 44 18.42 4.18 -2.04
C VAL A 44 18.57 3.31 -3.31
N ALA A 45 18.97 3.96 -4.40
CA ALA A 45 19.41 3.28 -5.60
C ALA A 45 20.34 4.20 -6.39
N ARG A 46 21.00 3.64 -7.40
CA ARG A 46 22.02 4.37 -8.17
C ARG A 46 21.42 5.25 -9.28
N ARG A 47 20.42 4.74 -9.98
CA ARG A 47 19.79 5.49 -11.09
C ARG A 47 18.91 6.65 -10.56
N PRO A 48 18.54 7.59 -11.45
CA PRO A 48 17.55 8.60 -11.05
C PRO A 48 16.24 7.93 -10.71
N CYS A 49 15.52 8.47 -9.73
CA CYS A 49 14.23 7.89 -9.31
C CYS A 49 13.33 7.71 -10.52
N PRO A 50 12.86 6.47 -10.78
CA PRO A 50 11.93 6.35 -11.91
C PRO A 50 10.56 6.94 -11.56
N VAL A 51 9.82 7.30 -12.59
CA VAL A 51 8.49 7.90 -12.44
C VAL A 51 7.60 7.01 -11.56
N TRP A 52 7.58 5.70 -11.82
CA TRP A 52 6.72 4.81 -11.03
C TRP A 52 7.02 4.87 -9.53
N LEU A 53 8.28 5.07 -9.16
CA LEU A 53 8.65 5.17 -7.76
C LEU A 53 8.44 6.58 -7.17
N ALA A 54 8.57 7.61 -7.99
CA ALA A 54 8.24 8.96 -7.57
C ALA A 54 6.75 9.11 -7.14
N LYS A 55 5.88 8.19 -7.56
CA LYS A 55 4.47 8.21 -7.16
C LYS A 55 4.18 7.45 -5.85
N LYS A 56 5.23 7.12 -5.10
CA LYS A 56 5.13 6.46 -3.81
C LYS A 56 5.65 7.38 -2.72
N PRO A 57 5.12 7.28 -1.49
CA PRO A 57 5.58 8.11 -0.36
C PRO A 57 6.90 7.58 0.23
N VAL A 58 7.94 7.66 -0.60
CA VAL A 58 9.27 7.17 -0.29
C VAL A 58 10.22 8.32 -0.58
N GLU A 59 11.12 8.60 0.34
CA GLU A 59 12.11 9.64 0.13
CA GLU A 59 12.11 9.65 0.14
C GLU A 59 13.28 9.00 -0.59
N TYR A 60 13.42 9.33 -1.88
CA TYR A 60 14.42 8.67 -2.71
C TYR A 60 15.76 9.33 -2.56
N ILE A 61 16.79 8.50 -2.49
CA ILE A 61 18.13 8.99 -2.37
C ILE A 61 18.95 8.33 -3.45
N GLN A 62 19.34 9.12 -4.43
CA GLN A 62 20.17 8.65 -5.51
C GLN A 62 21.59 8.63 -4.97
N CYS A 63 22.20 7.45 -4.98
CA CYS A 63 23.53 7.28 -4.42
C CYS A 63 24.17 6.01 -4.98
N ASP A 64 25.43 6.12 -5.39
CA ASP A 64 26.21 4.93 -5.74
C ASP A 64 26.86 4.42 -4.48
N VAL A 65 26.33 3.34 -3.91
CA VAL A 65 26.78 2.89 -2.61
C VAL A 65 28.12 2.17 -2.70
N SER A 66 28.66 1.98 -3.91
CA SER A 66 29.99 1.40 -4.08
C SER A 66 31.10 2.44 -3.85
N ASN A 67 30.69 3.72 -3.76
CA ASN A 67 31.58 4.86 -3.56
C ASN A 67 31.41 5.33 -2.11
N ASN A 68 32.47 5.17 -1.33
CA ASN A 68 32.42 5.48 0.08
C ASN A 68 32.17 6.97 0.38
N GLN A 69 32.90 7.87 -0.25
CA GLN A 69 32.70 9.31 0.04
C GLN A 69 31.28 9.79 -0.32
N GLU A 70 30.73 9.27 -1.41
CA GLU A 70 29.38 9.62 -1.83
C GLU A 70 28.35 9.10 -0.84
N THR A 71 28.55 7.87 -0.37
CA THR A 71 27.64 7.26 0.60
C THR A 71 27.65 7.99 1.95
N ILE A 72 28.83 8.31 2.44
CA ILE A 72 28.97 9.16 3.63
C ILE A 72 28.22 10.47 3.43
N SER A 73 28.49 11.15 2.32
CA SER A 73 27.88 12.44 2.06
C SER A 73 26.36 12.35 2.00
N LYS A 74 25.84 11.27 1.42
CA LYS A 74 24.41 11.13 1.21
C LYS A 74 23.64 10.51 2.40
N LEU A 75 24.24 9.57 3.11
CA LEU A 75 23.54 8.87 4.18
C LEU A 75 23.85 9.35 5.60
N SER A 76 25.02 9.91 5.84
CA SER A 76 25.36 10.39 7.19
C SER A 76 24.44 11.48 7.76
N PRO A 77 23.75 12.29 6.90
CA PRO A 77 22.72 13.16 7.46
C PRO A 77 21.42 12.50 7.97
N LEU A 78 21.23 11.21 7.72
CA LEU A 78 19.98 10.55 8.04
C LEU A 78 20.04 10.00 9.46
N LYS A 79 19.92 10.91 10.44
CA LYS A 79 20.15 10.59 11.86
C LYS A 79 19.03 9.75 12.50
N ASP A 80 17.88 9.64 11.83
CA ASP A 80 16.68 9.03 12.42
C ASP A 80 16.46 7.55 12.01
N ILE A 81 17.36 6.97 11.22
CA ILE A 81 17.20 5.58 10.75
C ILE A 81 17.13 4.62 11.97
N THR A 82 16.16 3.73 11.96
CA THR A 82 16.04 2.68 13.00
C THR A 82 16.35 1.27 12.46
N HIS A 83 16.05 0.99 11.19
CA HIS A 83 16.25 -0.34 10.59
C HIS A 83 16.82 -0.22 9.19
N ILE A 84 17.87 -1.00 8.89
CA ILE A 84 18.44 -1.08 7.57
C ILE A 84 17.95 -2.38 6.88
N PHE A 85 17.44 -2.26 5.65
CA PHE A 85 17.06 -3.43 4.80
C PHE A 85 18.00 -3.41 3.60
N TYR A 86 19.02 -4.27 3.61
CA TYR A 86 19.98 -4.33 2.53
C TYR A 86 19.51 -5.38 1.51
N VAL A 87 18.94 -4.91 0.40
CA VAL A 87 18.29 -5.74 -0.62
C VAL A 87 18.87 -5.39 -1.98
N SER A 88 20.20 -5.40 -2.03
CA SER A 88 20.94 -4.93 -3.18
CA SER A 88 20.98 -4.92 -3.17
C SER A 88 22.13 -5.86 -3.45
N TRP A 89 22.62 -5.80 -4.68
CA TRP A 89 23.90 -6.39 -5.07
C TRP A 89 24.34 -5.64 -6.35
N ILE A 90 25.63 -5.72 -6.70
CA ILE A 90 26.18 -4.94 -7.83
C ILE A 90 25.74 -5.51 -9.19
N GLY A 91 25.27 -6.76 -9.23
CA GLY A 91 24.89 -7.41 -10.50
C GLY A 91 26.00 -8.25 -11.12
N SER A 92 27.10 -8.41 -10.39
CA SER A 92 28.09 -9.46 -10.65
C SER A 92 28.42 -10.16 -9.35
N GLU A 93 29.18 -11.25 -9.45
CA GLU A 93 29.56 -12.05 -8.29
C GLU A 93 30.88 -11.61 -7.64
N ASP A 94 31.41 -10.49 -8.08
CA ASP A 94 32.62 -9.89 -7.53
C ASP A 94 32.45 -9.72 -6.03
N CYS A 95 33.23 -10.46 -5.26
CA CYS A 95 33.08 -10.46 -3.81
C CYS A 95 33.41 -9.12 -3.19
N GLN A 96 34.49 -8.50 -3.64
N GLN A 96 34.52 -8.53 -3.60
CA GLN A 96 34.92 -7.23 -3.08
CA GLN A 96 34.96 -7.30 -2.95
C GLN A 96 33.96 -6.08 -3.35
C GLN A 96 34.04 -6.13 -3.24
N THR A 97 33.44 -5.97 -4.58
N THR A 97 33.52 -6.03 -4.48
CA THR A 97 32.57 -4.85 -4.91
CA THR A 97 32.66 -4.89 -4.85
C THR A 97 31.30 -4.94 -4.10
C THR A 97 31.32 -4.95 -4.10
N ASN A 98 30.72 -6.13 -4.01
CA ASN A 98 29.53 -6.35 -3.18
C ASN A 98 29.78 -6.09 -1.69
N ALA A 99 30.91 -6.56 -1.20
CA ALA A 99 31.31 -6.31 0.17
C ALA A 99 31.43 -4.82 0.45
N THR A 100 32.10 -4.11 -0.46
CA THR A 100 32.32 -2.67 -0.33
C THR A 100 31.00 -1.92 -0.19
N MET A 101 30.03 -2.28 -1.02
CA MET A 101 28.70 -1.65 -0.97
C MET A 101 28.06 -1.76 0.42
N PHE A 102 28.05 -2.96 0.97
CA PHE A 102 27.43 -3.21 2.27
C PHE A 102 28.21 -2.53 3.43
N LYS A 103 29.54 -2.64 3.41
N LYS A 103 29.54 -2.64 3.42
CA LYS A 103 30.41 -1.92 4.36
CA LYS A 103 30.38 -1.92 4.37
C LYS A 103 30.12 -0.43 4.35
C LYS A 103 30.12 -0.43 4.35
N ASN A 104 29.96 0.15 3.14
CA ASN A 104 29.78 1.59 3.01
C ASN A 104 28.47 2.02 3.68
N ILE A 105 27.41 1.24 3.49
CA ILE A 105 26.15 1.51 4.18
C ILE A 105 26.37 1.56 5.69
N LEU A 106 27.00 0.52 6.22
CA LEU A 106 27.12 0.42 7.68
C LEU A 106 28.04 1.49 8.24
N ASN A 107 29.17 1.73 7.58
CA ASN A 107 30.09 2.79 8.00
C ASN A 107 29.49 4.17 7.97
N SER A 108 28.54 4.41 7.06
CA SER A 108 27.89 5.71 6.91
CA SER A 108 27.91 5.71 6.94
C SER A 108 26.73 5.89 7.91
N VAL A 109 26.02 4.81 8.23
CA VAL A 109 24.81 4.91 9.05
C VAL A 109 25.09 4.69 10.54
N ILE A 110 25.90 3.69 10.89
CA ILE A 110 26.06 3.29 12.29
C ILE A 110 26.59 4.44 13.18
N PRO A 111 27.62 5.18 12.73
CA PRO A 111 28.05 6.33 13.51
C PRO A 111 27.03 7.48 13.63
N ASN A 112 26.02 7.53 12.77
CA ASN A 112 25.13 8.69 12.73
C ASN A 112 23.68 8.45 13.18
N ALA A 113 23.23 7.19 13.21
CA ALA A 113 21.86 6.89 13.56
C ALA A 113 21.79 6.33 14.98
N SER A 114 21.66 7.20 15.97
CA SER A 114 21.74 6.78 17.36
C SER A 114 20.59 5.87 17.81
N ASN A 115 19.49 5.82 17.05
CA ASN A 115 18.35 4.95 17.34
CA ASN A 115 18.36 4.94 17.35
C ASN A 115 18.33 3.71 16.47
N LEU A 116 19.41 3.44 15.75
CA LEU A 116 19.52 2.27 14.94
C LEU A 116 19.39 1.01 15.79
N GLN A 117 18.58 0.06 15.33
CA GLN A 117 18.27 -1.15 16.09
C GLN A 117 18.75 -2.42 15.41
N HIS A 118 18.54 -2.51 14.10
CA HIS A 118 18.59 -3.78 13.38
C HIS A 118 19.06 -3.61 11.94
N VAL A 119 19.83 -4.60 11.47
CA VAL A 119 20.23 -4.69 10.08
C VAL A 119 19.71 -6.02 9.53
N CYS A 120 18.86 -5.91 8.49
CA CYS A 120 18.37 -7.06 7.68
CA CYS A 120 18.40 -7.06 7.71
C CYS A 120 19.26 -7.17 6.45
N LEU A 121 19.88 -8.34 6.27
CA LEU A 121 20.72 -8.64 5.11
C LEU A 121 20.00 -9.66 4.26
N GLN A 122 19.73 -9.32 3.01
CA GLN A 122 19.14 -10.30 2.08
C GLN A 122 20.23 -10.96 1.22
N THR A 123 20.33 -12.29 1.34
CA THR A 123 21.16 -13.08 0.43
C THR A 123 20.20 -13.98 -0.34
N GLY A 124 20.34 -15.31 -0.26
CA GLY A 124 19.48 -16.20 -1.02
C GLY A 124 19.91 -17.63 -0.97
N ILE A 125 19.15 -18.49 -1.66
CA ILE A 125 19.39 -19.92 -1.62
C ILE A 125 20.65 -20.35 -2.38
N LYS A 126 21.28 -19.46 -3.16
CA LYS A 126 22.64 -19.77 -3.71
C LYS A 126 23.64 -20.13 -2.61
N HIS A 127 23.40 -19.64 -1.40
CA HIS A 127 24.18 -20.07 -0.23
C HIS A 127 24.36 -21.60 -0.14
N TYR A 128 23.34 -22.34 -0.57
CA TYR A 128 23.31 -23.78 -0.45
C TYR A 128 23.84 -24.55 -1.65
N PHE A 129 23.87 -23.92 -2.83
CA PHE A 129 24.25 -24.66 -4.03
C PHE A 129 25.38 -24.07 -4.88
N GLY A 130 25.76 -22.81 -4.66
CA GLY A 130 26.95 -22.26 -5.31
C GLY A 130 26.62 -21.00 -6.08
N ILE A 131 27.53 -20.65 -6.99
CA ILE A 131 27.47 -19.37 -7.72
C ILE A 131 27.26 -19.63 -9.23
N PHE A 132 26.86 -18.60 -9.95
CA PHE A 132 26.57 -18.72 -11.37
C PHE A 132 27.84 -18.75 -12.25
N GLU A 133 28.96 -18.17 -11.80
CA GLU A 133 30.22 -18.13 -12.60
C GLU A 133 30.55 -19.52 -13.21
N GLU A 134 30.71 -19.56 -14.54
CA GLU A 134 30.82 -20.81 -15.31
C GLU A 134 32.00 -21.72 -14.91
N GLY A 135 33.12 -21.13 -14.50
CA GLY A 135 34.29 -21.90 -14.06
C GLY A 135 34.10 -22.71 -12.78
N SER A 136 33.21 -22.25 -11.90
CA SER A 136 33.02 -22.86 -10.57
C SER A 136 32.32 -24.23 -10.64
N LYS A 137 33.13 -25.30 -10.62
CA LYS A 137 32.62 -26.70 -10.63
C LYS A 137 32.51 -27.27 -9.19
N VAL A 138 31.34 -27.07 -8.56
CA VAL A 138 31.14 -27.29 -7.10
C VAL A 138 29.98 -28.23 -6.77
N VAL A 139 30.16 -29.07 -5.74
CA VAL A 139 29.14 -30.04 -5.29
C VAL A 139 28.15 -29.37 -4.33
N PRO A 140 26.92 -29.11 -4.79
CA PRO A 140 25.98 -28.45 -3.89
C PRO A 140 25.53 -29.36 -2.75
N HIS A 141 24.96 -28.75 -1.73
CA HIS A 141 24.25 -29.50 -0.71
C HIS A 141 23.03 -30.15 -1.33
N ASP A 142 22.60 -31.27 -0.75
CA ASP A 142 21.31 -31.85 -1.09
C ASP A 142 20.26 -31.02 -0.37
N SER A 143 19.03 -31.16 -0.85
CA SER A 143 17.89 -30.42 -0.34
CA SER A 143 17.89 -30.42 -0.34
C SER A 143 16.94 -31.42 0.33
N PRO A 144 15.88 -30.96 1.03
CA PRO A 144 15.50 -29.56 1.25
C PRO A 144 16.54 -28.78 2.02
N PHE A 145 16.82 -27.56 1.57
CA PHE A 145 17.81 -26.74 2.21
C PHE A 145 17.32 -26.21 3.55
N THR A 146 18.11 -26.41 4.57
CA THR A 146 17.88 -25.87 5.90
C THR A 146 19.05 -25.01 6.37
N GLU A 147 18.72 -24.13 7.30
CA GLU A 147 19.65 -23.13 7.79
C GLU A 147 20.79 -23.63 8.64
N ASP A 148 20.83 -24.92 8.97
CA ASP A 148 22.00 -25.49 9.64
C ASP A 148 23.09 -25.99 8.68
N LEU A 149 22.89 -25.87 7.36
CA LEU A 149 23.89 -26.37 6.39
C LEU A 149 25.12 -25.47 6.38
N PRO A 150 26.34 -26.06 6.42
CA PRO A 150 27.54 -25.24 6.46
C PRO A 150 27.83 -24.59 5.11
N ARG A 151 28.61 -23.52 5.12
CA ARG A 151 29.06 -22.85 3.87
C ARG A 151 29.77 -23.79 2.94
N LEU A 152 29.47 -23.70 1.65
CA LEU A 152 30.25 -24.42 0.64
C LEU A 152 31.65 -23.80 0.49
N ASN A 153 32.60 -24.57 -0.01
CA ASN A 153 33.94 -24.06 -0.28
C ASN A 153 33.95 -23.40 -1.65
N VAL A 154 33.37 -22.20 -1.72
CA VAL A 154 33.30 -21.40 -2.94
C VAL A 154 33.40 -19.92 -2.55
N PRO A 155 33.93 -19.08 -3.45
CA PRO A 155 33.95 -17.64 -3.19
C PRO A 155 32.59 -17.03 -3.48
N ASN A 156 31.68 -17.22 -2.55
CA ASN A 156 30.34 -16.66 -2.63
C ASN A 156 30.34 -15.36 -1.85
N PHE A 157 29.98 -14.25 -2.50
CA PHE A 157 29.96 -12.93 -1.84
C PHE A 157 29.02 -12.88 -0.64
N TYR A 158 28.05 -13.79 -0.60
CA TYR A 158 27.18 -13.93 0.57
C TYR A 158 27.97 -14.15 1.85
N HIS A 159 29.10 -14.87 1.75
CA HIS A 159 29.92 -15.19 2.92
C HIS A 159 30.52 -13.92 3.49
N ASP A 160 31.03 -13.06 2.60
CA ASP A 160 31.62 -11.78 2.99
C ASP A 160 30.56 -10.84 3.61
N LEU A 161 29.39 -10.78 2.98
CA LEU A 161 28.31 -9.92 3.50
C LEU A 161 27.89 -10.34 4.91
N GLU A 162 27.68 -11.64 5.11
CA GLU A 162 27.40 -12.15 6.46
C GLU A 162 28.47 -11.80 7.48
N ASP A 163 29.74 -11.99 7.10
CA ASP A 163 30.84 -11.73 7.99
C ASP A 163 30.88 -10.28 8.43
N ILE A 164 30.61 -9.38 7.50
CA ILE A 164 30.55 -7.95 7.80
C ILE A 164 29.36 -7.69 8.75
N LEU A 165 28.22 -8.23 8.40
CA LEU A 165 27.01 -8.09 9.23
C LEU A 165 27.28 -8.49 10.67
N TYR A 166 27.85 -9.68 10.86
CA TYR A 166 28.10 -10.20 12.23
C TYR A 166 29.08 -9.31 12.99
N GLU A 167 30.16 -8.91 12.33
CA GLU A 167 31.16 -8.11 12.97
C GLU A 167 30.63 -6.75 13.40
N GLU A 168 29.92 -6.10 12.48
CA GLU A 168 29.51 -4.71 12.71
C GLU A 168 28.31 -4.64 13.64
N THR A 169 27.39 -5.59 13.58
CA THR A 169 26.25 -5.56 14.52
C THR A 169 26.76 -5.89 15.93
N GLY A 170 27.61 -6.92 16.01
CA GLY A 170 28.25 -7.34 17.27
C GLY A 170 28.99 -6.25 18.01
N LYS A 171 29.89 -5.56 17.31
CA LYS A 171 30.60 -4.37 17.84
C LYS A 171 29.67 -3.29 18.40
N ASN A 172 28.51 -3.10 17.77
CA ASN A 172 27.66 -1.92 18.02
C ASN A 172 26.33 -2.20 18.72
N ASN A 173 26.20 -3.41 19.26
CA ASN A 173 24.99 -3.81 19.96
C ASN A 173 23.72 -3.60 19.13
N LEU A 174 23.78 -4.12 17.92
CA LEU A 174 22.64 -4.13 17.01
C LEU A 174 22.27 -5.56 16.79
N THR A 175 21.01 -5.81 16.48
CA THR A 175 20.57 -7.14 16.08
C THR A 175 20.69 -7.25 14.59
N TRP A 176 20.67 -8.50 14.09
CA TRP A 176 20.86 -8.80 12.68
C TRP A 176 19.90 -9.89 12.26
N SER A 177 19.64 -9.98 10.97
CA SER A 177 18.96 -11.13 10.38
C SER A 177 19.48 -11.30 8.98
N VAL A 178 19.64 -12.56 8.57
CA VAL A 178 20.02 -12.92 7.24
C VAL A 178 18.85 -13.64 6.63
N HIS A 179 18.42 -13.19 5.47
CA HIS A 179 17.26 -13.76 4.79
C HIS A 179 17.71 -14.36 3.49
N ARG A 180 17.31 -15.62 3.27
CA ARG A 180 17.72 -16.38 2.10
C ARG A 180 16.53 -16.76 1.24
N PRO A 181 16.01 -15.78 0.48
CA PRO A 181 14.88 -16.07 -0.35
C PRO A 181 15.17 -17.07 -1.44
N ALA A 182 14.13 -17.79 -1.78
CA ALA A 182 14.10 -18.60 -2.98
C ALA A 182 13.99 -17.67 -4.22
N LEU A 183 13.85 -18.26 -5.42
CA LEU A 183 13.53 -17.51 -6.64
C LEU A 183 12.40 -16.52 -6.37
N VAL A 184 12.59 -15.24 -6.70
CA VAL A 184 11.58 -14.23 -6.36
C VAL A 184 10.55 -14.04 -7.48
N PHE A 185 9.27 -14.10 -7.11
CA PHE A 185 8.18 -13.64 -7.97
C PHE A 185 7.85 -12.19 -7.61
N GLY A 186 8.15 -11.27 -8.52
CA GLY A 186 8.01 -9.84 -8.26
C GLY A 186 7.64 -9.04 -9.50
N PHE A 187 7.63 -7.72 -9.35
CA PHE A 187 7.10 -6.81 -10.41
C PHE A 187 8.05 -5.74 -10.91
N SER A 188 9.21 -5.56 -10.27
CA SER A 188 10.11 -4.49 -10.67
C SER A 188 10.61 -4.69 -12.09
N PRO A 189 10.52 -3.64 -12.94
CA PRO A 189 11.10 -3.68 -14.27
C PRO A 189 12.58 -3.29 -14.29
N CYS A 190 13.16 -2.97 -13.13
CA CYS A 190 14.56 -2.54 -12.99
C CYS A 190 15.42 -3.59 -12.33
N SER A 191 14.96 -4.83 -12.25
CA SER A 191 15.67 -5.87 -11.54
C SER A 191 16.60 -6.52 -12.52
N MET A 192 17.73 -7.01 -12.03
CA MET A 192 18.61 -7.80 -12.86
C MET A 192 18.19 -9.27 -12.96
N MET A 193 17.23 -9.70 -12.12
CA MET A 193 16.82 -11.10 -12.07
C MET A 193 15.35 -11.17 -11.69
N ASN A 194 14.49 -10.84 -12.64
CA ASN A 194 13.05 -10.92 -12.43
C ASN A 194 12.48 -11.95 -13.40
N ILE A 195 12.23 -13.15 -12.90
CA ILE A 195 11.76 -14.27 -13.73
C ILE A 195 10.38 -14.04 -14.31
N VAL A 196 9.48 -13.48 -13.53
CA VAL A 196 8.12 -13.26 -14.05
C VAL A 196 8.15 -12.23 -15.19
N SER A 197 8.83 -11.13 -14.95
CA SER A 197 8.94 -10.11 -15.98
C SER A 197 9.59 -10.69 -17.23
N THR A 198 10.66 -11.47 -17.03
CA THR A 198 11.37 -12.07 -18.13
C THR A 198 10.47 -12.98 -18.99
N LEU A 199 9.69 -13.81 -18.35
CA LEU A 199 8.78 -14.72 -19.06
C LEU A 199 7.58 -14.00 -19.67
N CYS A 200 7.10 -12.95 -19.00
CA CYS A 200 6.08 -12.07 -19.57
C CYS A 200 6.55 -11.35 -20.85
N VAL A 201 7.79 -10.89 -20.86
CA VAL A 201 8.37 -10.23 -22.06
C VAL A 201 8.50 -11.24 -23.19
N TYR A 202 8.99 -12.44 -22.89
CA TYR A 202 9.04 -13.49 -23.88
C TYR A 202 7.67 -13.76 -24.45
N ALA A 203 6.69 -13.96 -23.58
CA ALA A 203 5.34 -14.23 -24.01
C ALA A 203 4.78 -13.11 -24.88
N THR A 204 5.07 -11.87 -24.48
CA THR A 204 4.62 -10.69 -25.22
C THR A 204 5.18 -10.65 -26.65
N ILE A 205 6.47 -10.92 -26.76
CA ILE A 205 7.15 -11.01 -28.03
C ILE A 205 6.59 -12.15 -28.88
N CYS A 206 6.38 -13.32 -28.29
CA CYS A 206 5.73 -14.44 -29.00
C CYS A 206 4.38 -13.98 -29.57
N LYS A 207 3.59 -13.34 -28.72
CA LYS A 207 2.25 -12.88 -29.13
C LYS A 207 2.37 -11.86 -30.26
N HIS A 208 3.23 -10.88 -30.08
CA HIS A 208 3.51 -9.86 -31.11
C HIS A 208 3.86 -10.47 -32.47
N GLU A 209 4.63 -11.57 -32.45
CA GLU A 209 5.11 -12.21 -33.68
C GLU A 209 4.21 -13.37 -34.14
N ASN A 210 3.01 -13.49 -33.57
CA ASN A 210 2.07 -14.60 -33.85
C ASN A 210 2.72 -15.98 -33.78
N LYS A 211 3.48 -16.19 -32.71
CA LYS A 211 4.18 -17.44 -32.50
C LYS A 211 3.66 -18.01 -31.20
N ALA A 212 3.79 -19.32 -31.07
CA ALA A 212 3.41 -20.00 -29.83
C ALA A 212 4.39 -19.70 -28.70
N LEU A 213 3.92 -19.85 -27.49
CA LEU A 213 4.78 -19.81 -26.31
C LEU A 213 5.51 -21.14 -26.19
N VAL A 214 6.70 -21.18 -26.76
CA VAL A 214 7.48 -22.41 -26.83
C VAL A 214 8.36 -22.48 -25.60
N TYR A 215 8.18 -23.52 -24.79
CA TYR A 215 9.07 -23.78 -23.66
C TYR A 215 10.47 -24.17 -24.17
N PRO A 216 11.51 -23.40 -23.80
CA PRO A 216 12.88 -23.64 -24.24
C PRO A 216 13.75 -24.45 -23.26
N GLY A 217 13.20 -24.81 -22.10
CA GLY A 217 13.98 -25.40 -21.03
C GLY A 217 14.25 -26.90 -21.10
N SER A 218 14.87 -27.40 -20.04
CA SER A 218 15.24 -28.80 -19.93
C SER A 218 14.00 -29.60 -19.54
N LYS A 219 14.05 -30.89 -19.82
CA LYS A 219 13.02 -31.82 -19.34
C LYS A 219 12.90 -31.78 -17.83
N ASN A 220 14.03 -31.83 -17.15
CA ASN A 220 14.02 -31.92 -15.70
C ASN A 220 13.38 -30.73 -15.06
N SER A 221 13.63 -29.53 -15.58
CA SER A 221 13.09 -28.31 -14.98
C SER A 221 11.60 -28.14 -15.30
N TRP A 222 11.12 -28.78 -16.37
CA TRP A 222 9.69 -28.83 -16.66
C TRP A 222 8.90 -29.65 -15.62
N ASN A 223 9.42 -30.81 -15.26
CA ASN A 223 8.70 -31.80 -14.44
C ASN A 223 9.04 -31.80 -12.96
N CYS A 224 10.13 -31.16 -12.58
CA CYS A 224 10.57 -31.21 -11.17
C CYS A 224 9.74 -30.29 -10.29
N TYR A 225 9.83 -30.52 -8.98
CA TYR A 225 9.27 -29.60 -8.04
C TYR A 225 10.19 -28.40 -7.89
N ALA A 226 9.58 -27.21 -7.90
CA ALA A 226 10.26 -25.95 -7.76
C ALA A 226 9.58 -25.15 -6.68
N ASP A 227 10.27 -24.17 -6.16
CA ASP A 227 9.64 -23.23 -5.26
C ASP A 227 10.14 -21.80 -5.53
N ALA A 228 9.42 -20.87 -4.94
CA ALA A 228 9.66 -19.45 -5.17
C ALA A 228 9.16 -18.68 -4.00
N VAL A 229 9.38 -17.37 -4.04
CA VAL A 229 8.87 -16.49 -3.02
C VAL A 229 8.29 -15.19 -3.62
N ASP A 230 7.06 -14.84 -3.23
CA ASP A 230 6.49 -13.56 -3.62
C ASP A 230 7.31 -12.44 -2.98
N ALA A 231 7.60 -11.38 -3.73
CA ALA A 231 8.35 -10.23 -3.19
C ALA A 231 7.71 -9.62 -1.96
N ASP A 232 6.37 -9.58 -1.91
CA ASP A 232 5.64 -9.05 -0.77
C ASP A 232 5.84 -9.91 0.47
N LEU A 233 5.96 -11.22 0.28
CA LEU A 233 6.24 -12.13 1.42
C LEU A 233 7.64 -11.97 1.91
N VAL A 234 8.60 -11.76 1.00
CA VAL A 234 9.97 -11.45 1.44
C VAL A 234 9.98 -10.16 2.28
N ALA A 235 9.30 -9.12 1.79
CA ALA A 235 9.15 -7.89 2.54
C ALA A 235 8.57 -8.16 3.94
N GLU A 236 7.48 -8.91 3.99
CA GLU A 236 6.84 -9.25 5.28
C GLU A 236 7.78 -10.02 6.23
N HIS A 237 8.57 -10.92 5.67
CA HIS A 237 9.51 -11.75 6.44
C HIS A 237 10.66 -10.90 7.01
N GLU A 238 11.17 -9.98 6.18
CA GLU A 238 12.19 -9.02 6.63
C GLU A 238 11.69 -8.04 7.70
N ILE A 239 10.44 -7.59 7.56
CA ILE A 239 9.81 -6.70 8.52
C ILE A 239 9.54 -7.44 9.83
N TRP A 240 9.06 -8.68 9.73
CA TRP A 240 8.93 -9.58 10.91
C TRP A 240 10.24 -9.68 11.69
N ALA A 241 11.35 -9.96 11.00
CA ALA A 241 12.64 -10.09 11.66
C ALA A 241 13.10 -8.77 12.26
N ALA A 242 12.73 -7.66 11.63
CA ALA A 242 13.09 -6.32 12.11
C ALA A 242 12.36 -5.88 13.38
N VAL A 243 11.14 -6.38 13.57
CA VAL A 243 10.30 -5.96 14.67
C VAL A 243 10.07 -7.02 15.76
N ASP A 244 10.07 -8.31 15.41
CA ASP A 244 9.73 -9.37 16.39
C ASP A 244 10.96 -9.91 17.13
N PRO A 245 10.98 -9.81 18.48
CA PRO A 245 12.14 -10.33 19.26
C PRO A 245 12.53 -11.80 18.97
N LYS A 246 11.56 -12.65 18.68
CA LYS A 246 11.86 -14.07 18.43
C LYS A 246 12.73 -14.33 17.19
N ALA A 247 12.67 -13.44 16.21
CA ALA A 247 13.40 -13.60 14.94
C ALA A 247 14.80 -13.04 14.95
N LYS A 248 15.18 -12.34 16.02
CA LYS A 248 16.42 -11.59 16.02
C LYS A 248 17.64 -12.50 16.07
N ASN A 249 18.69 -12.07 15.37
CA ASN A 249 19.94 -12.80 15.27
C ASN A 249 19.75 -14.21 14.77
N GLN A 250 19.07 -14.32 13.63
CA GLN A 250 18.78 -15.60 13.01
C GLN A 250 19.01 -15.52 11.50
N VAL A 251 19.49 -16.64 10.96
CA VAL A 251 19.52 -16.92 9.54
C VAL A 251 18.23 -17.61 9.21
N LEU A 252 17.56 -17.16 8.16
CA LEU A 252 16.21 -17.60 7.88
C LEU A 252 15.95 -17.70 6.39
N ASN A 253 15.51 -18.88 5.95
CA ASN A 253 14.99 -19.01 4.58
C ASN A 253 13.66 -18.27 4.42
N CYS A 254 13.31 -17.96 3.18
CA CYS A 254 12.05 -17.32 2.85
C CYS A 254 11.49 -17.88 1.53
N ASN A 255 10.46 -18.71 1.60
CA ASN A 255 9.71 -19.10 0.40
C ASN A 255 8.23 -19.05 0.68
N ASN A 256 7.44 -19.22 -0.38
CA ASN A 256 5.98 -19.18 -0.31
C ASN A 256 5.32 -20.27 0.52
N GLY A 257 6.06 -21.34 0.85
CA GLY A 257 5.59 -22.40 1.73
C GLY A 257 4.97 -23.60 0.97
N ASP A 258 4.95 -23.53 -0.36
CA ASP A 258 4.45 -24.59 -1.24
C ASP A 258 5.48 -24.92 -2.31
N VAL A 259 5.13 -25.84 -3.20
CA VAL A 259 5.93 -26.13 -4.38
C VAL A 259 5.05 -26.02 -5.62
N PHE A 260 5.70 -25.83 -6.77
CA PHE A 260 5.01 -25.83 -8.04
C PHE A 260 5.89 -26.55 -9.07
N LYS A 261 5.37 -26.64 -10.29
CA LYS A 261 6.16 -27.09 -11.44
C LYS A 261 6.05 -26.07 -12.56
N TRP A 262 7.14 -25.86 -13.27
CA TRP A 262 7.18 -24.98 -14.44
C TRP A 262 6.20 -25.42 -15.53
N LYS A 263 5.99 -26.73 -15.66
CA LYS A 263 4.98 -27.28 -16.54
C LYS A 263 3.61 -26.58 -16.35
N HIS A 264 3.22 -26.38 -15.09
CA HIS A 264 1.89 -25.84 -14.76
C HIS A 264 1.89 -24.32 -14.91
N ILE A 265 2.97 -23.68 -14.49
CA ILE A 265 3.19 -22.25 -14.66
C ILE A 265 3.10 -21.86 -16.14
N TRP A 266 3.70 -22.68 -17.02
CA TRP A 266 3.76 -22.43 -18.48
C TRP A 266 2.37 -22.36 -19.12
N LYS A 267 1.53 -23.29 -18.73
CA LYS A 267 0.15 -23.33 -19.20
C LYS A 267 -0.57 -22.08 -18.76
N LYS A 268 -0.42 -21.71 -17.50
CA LYS A 268 -0.97 -20.47 -16.96
C LYS A 268 -0.50 -19.22 -17.72
N LEU A 269 0.80 -19.17 -18.03
CA LEU A 269 1.41 -18.07 -18.76
C LEU A 269 0.79 -17.92 -20.15
N ALA A 270 0.62 -19.04 -20.84
CA ALA A 270 0.01 -19.03 -22.16
C ALA A 270 -1.41 -18.53 -22.10
N GLU A 271 -2.17 -19.03 -21.13
CA GLU A 271 -3.58 -18.58 -20.93
C GLU A 271 -3.66 -17.09 -20.62
N GLU A 272 -2.75 -16.61 -19.77
CA GLU A 272 -2.73 -15.19 -19.43
C GLU A 272 -2.50 -14.27 -20.66
N PHE A 273 -1.75 -14.76 -21.64
CA PHE A 273 -1.47 -14.00 -22.85
C PHE A 273 -2.34 -14.39 -24.04
N GLY A 274 -3.22 -15.38 -23.85
CA GLY A 274 -4.16 -15.80 -24.88
C GLY A 274 -3.47 -16.31 -26.10
N ILE A 275 -2.40 -17.08 -25.92
CA ILE A 275 -1.64 -17.70 -27.01
C ILE A 275 -1.50 -19.19 -26.76
N GLU A 276 -1.20 -19.92 -27.83
CA GLU A 276 -0.96 -21.35 -27.78
C GLU A 276 0.38 -21.62 -27.09
N MET A 277 0.46 -22.71 -26.32
CA MET A 277 1.74 -23.15 -25.78
C MET A 277 2.22 -24.38 -26.51
N VAL A 278 3.54 -24.47 -26.64
CA VAL A 278 4.21 -25.72 -26.94
C VAL A 278 5.01 -26.00 -25.67
N GLY A 279 4.59 -27.05 -24.95
CA GLY A 279 5.32 -27.51 -23.78
C GLY A 279 6.62 -28.23 -24.13
N TYR A 280 7.20 -28.86 -23.11
CA TYR A 280 8.41 -29.64 -23.29
C TYR A 280 8.11 -30.78 -24.26
N VAL A 281 9.01 -31.01 -25.21
CA VAL A 281 8.86 -32.04 -26.20
C VAL A 281 9.90 -33.12 -25.88
N GLU A 282 9.41 -34.34 -25.66
CA GLU A 282 10.24 -35.48 -25.31
C GLU A 282 11.42 -35.67 -26.25
N GLY A 283 12.62 -35.74 -25.69
CA GLY A 283 13.85 -35.91 -26.47
C GLY A 283 14.55 -34.62 -26.87
N LYS A 284 13.93 -33.46 -26.67
CA LYS A 284 14.56 -32.19 -27.07
C LYS A 284 15.47 -31.68 -25.96
N GLU A 285 16.60 -31.10 -26.38
CA GLU A 285 17.57 -30.51 -25.46
C GLU A 285 17.18 -29.07 -25.23
N GLN A 286 17.55 -28.55 -24.05
CA GLN A 286 17.31 -27.15 -23.75
C GLN A 286 17.95 -26.25 -24.80
N VAL A 287 17.23 -25.19 -25.19
CA VAL A 287 17.79 -24.16 -26.05
C VAL A 287 17.93 -22.88 -25.22
N SER A 288 18.88 -22.04 -25.61
CA SER A 288 19.12 -20.79 -24.90
C SER A 288 18.08 -19.73 -25.27
N LEU A 289 17.27 -19.35 -24.29
CA LEU A 289 16.37 -18.22 -24.45
C LEU A 289 17.13 -16.88 -24.68
N ALA A 290 18.28 -16.72 -24.03
CA ALA A 290 19.16 -15.57 -24.30
C ALA A 290 19.52 -15.48 -25.78
N GLU A 291 19.88 -16.61 -26.39
CA GLU A 291 20.13 -16.68 -27.83
C GLU A 291 18.89 -16.41 -28.67
N LEU A 292 17.77 -17.02 -28.33
CA LEU A 292 16.50 -16.75 -29.02
C LEU A 292 16.13 -15.27 -29.03
N MET A 293 16.48 -14.55 -27.97
CA MET A 293 16.06 -13.16 -27.82
C MET A 293 17.17 -12.16 -28.12
N LYS A 294 18.35 -12.61 -28.56
CA LYS A 294 19.52 -11.71 -28.63
C LYS A 294 19.34 -10.48 -29.55
N ASP A 295 18.57 -10.62 -30.62
CA ASP A 295 18.35 -9.53 -31.55
C ASP A 295 16.96 -8.86 -31.43
N LYS A 296 16.30 -8.96 -30.27
CA LYS A 296 14.91 -8.48 -30.13
C LYS A 296 14.74 -7.07 -29.51
N ASP A 297 15.81 -6.32 -29.30
CA ASP A 297 15.72 -5.02 -28.61
C ASP A 297 14.79 -4.05 -29.34
N GLN A 298 14.96 -3.95 -30.65
CA GLN A 298 14.11 -3.06 -31.45
C GLN A 298 12.64 -3.55 -31.44
N VAL A 299 12.45 -4.86 -31.41
CA VAL A 299 11.10 -5.42 -31.36
C VAL A 299 10.43 -5.01 -30.05
N TRP A 300 11.18 -5.11 -28.96
CA TRP A 300 10.65 -4.69 -27.67
C TRP A 300 10.31 -3.17 -27.71
N ASP A 301 11.19 -2.38 -28.31
CA ASP A 301 10.94 -0.94 -28.42
C ASP A 301 9.59 -0.72 -29.12
N GLU A 302 9.37 -1.43 -30.25
CA GLU A 302 8.14 -1.29 -31.03
C GLU A 302 6.92 -1.68 -30.21
N ILE A 303 7.05 -2.74 -29.42
CA ILE A 303 5.98 -3.19 -28.52
C ILE A 303 5.65 -2.10 -27.50
N VAL A 304 6.69 -1.53 -26.90
CA VAL A 304 6.53 -0.49 -25.88
C VAL A 304 5.75 0.67 -26.45
N LYS A 305 6.14 1.07 -27.65
CA LYS A 305 5.46 2.17 -28.34
C LYS A 305 4.00 1.81 -28.70
N LYS A 306 3.79 0.66 -29.31
CA LYS A 306 2.46 0.28 -29.78
C LYS A 306 1.43 0.10 -28.64
N ASN A 307 1.90 -0.35 -27.49
CA ASN A 307 1.05 -0.58 -26.32
C ASN A 307 1.12 0.54 -25.29
N ASN A 308 1.88 1.59 -25.59
CA ASN A 308 2.10 2.68 -24.66
C ASN A 308 2.49 2.14 -23.27
N LEU A 309 3.58 1.40 -23.22
CA LEU A 309 4.11 0.89 -21.96
C LEU A 309 5.06 1.90 -21.37
N VAL A 310 5.42 1.69 -20.10
CA VAL A 310 6.50 2.44 -19.48
C VAL A 310 7.74 2.08 -20.30
N PRO A 311 8.50 3.08 -20.79
CA PRO A 311 9.64 2.71 -21.62
C PRO A 311 10.69 1.94 -20.85
N THR A 312 10.99 0.73 -21.32
CA THR A 312 12.08 -0.08 -20.77
C THR A 312 12.97 -0.58 -21.90
N LYS A 313 14.26 -0.71 -21.60
CA LYS A 313 15.19 -1.42 -22.50
C LYS A 313 15.00 -2.90 -22.26
N LEU A 314 15.03 -3.68 -23.34
CA LEU A 314 14.81 -5.12 -23.23
C LEU A 314 15.72 -5.80 -22.18
N LYS A 315 17.01 -5.45 -22.15
CA LYS A 315 17.94 -6.13 -21.24
C LYS A 315 17.75 -5.71 -19.78
N GLU A 316 17.01 -4.62 -19.55
CA GLU A 316 16.80 -4.15 -18.20
C GLU A 316 15.52 -4.74 -17.58
N ILE A 317 14.45 -4.89 -18.38
CA ILE A 317 13.20 -5.51 -17.89
C ILE A 317 13.27 -7.05 -17.86
N ALA A 318 14.03 -7.63 -18.79
CA ALA A 318 14.18 -9.08 -18.90
C ALA A 318 15.62 -9.53 -18.71
N ALA A 319 15.75 -10.70 -18.10
CA ALA A 319 17.04 -11.35 -17.87
C ALA A 319 16.95 -12.76 -18.45
N PHE A 320 17.07 -12.89 -19.76
CA PHE A 320 16.86 -14.20 -20.40
C PHE A 320 17.87 -15.26 -19.98
N TRP A 321 19.11 -14.83 -19.72
CA TRP A 321 20.14 -15.67 -19.12
C TRP A 321 19.70 -16.31 -17.80
N PHE A 322 18.91 -15.58 -17.01
CA PHE A 322 18.43 -16.03 -15.70
C PHE A 322 17.35 -17.10 -15.85
N ALA A 323 16.46 -16.91 -16.81
CA ALA A 323 15.51 -17.96 -17.19
C ALA A 323 16.21 -19.24 -17.64
N ASP A 324 17.29 -19.10 -18.40
CA ASP A 324 18.07 -20.28 -18.82
C ASP A 324 18.60 -21.09 -17.64
N ILE A 325 19.11 -20.40 -16.62
CA ILE A 325 19.56 -21.05 -15.40
C ILE A 325 18.38 -21.70 -14.64
N ALA A 326 17.26 -21.00 -14.49
CA ALA A 326 16.08 -21.59 -13.89
C ALA A 326 15.67 -22.88 -14.58
N PHE A 327 15.72 -22.88 -15.90
CA PHE A 327 15.28 -24.03 -16.69
C PHE A 327 16.33 -25.12 -16.92
N CYS A 328 17.47 -25.05 -16.26
CA CYS A 328 18.34 -26.20 -16.12
C CYS A 328 18.63 -26.50 -14.65
N SER A 329 17.75 -26.04 -13.75
CA SER A 329 17.90 -26.30 -12.33
C SER A 329 16.84 -27.28 -11.85
N GLU A 330 17.23 -28.06 -10.84
CA GLU A 330 16.32 -28.94 -10.11
C GLU A 330 16.90 -29.17 -8.72
N ASN A 331 16.08 -29.72 -7.82
CA ASN A 331 16.53 -30.16 -6.49
C ASN A 331 16.96 -29.00 -5.60
N LEU A 332 16.28 -27.87 -5.75
CA LEU A 332 16.63 -26.63 -5.02
C LEU A 332 15.61 -26.19 -3.98
N ILE A 333 14.69 -27.09 -3.60
CA ILE A 333 13.66 -26.76 -2.61
C ILE A 333 14.30 -26.36 -1.26
N SER A 334 13.81 -25.28 -0.66
CA SER A 334 14.25 -24.82 0.64
C SER A 334 13.14 -25.00 1.68
N SER A 335 13.55 -25.14 2.94
CA SER A 335 12.60 -25.39 4.04
C SER A 335 12.23 -24.10 4.75
N MET A 336 10.92 -23.94 5.03
CA MET A 336 10.44 -22.86 5.88
C MET A 336 10.15 -23.28 7.31
N ASN A 337 10.60 -24.46 7.73
CA ASN A 337 10.25 -24.91 9.06
C ASN A 337 10.82 -24.00 10.13
N LYS A 338 12.05 -23.54 9.96
CA LYS A 338 12.66 -22.71 11.03
C LYS A 338 11.85 -21.45 11.28
N SER A 339 11.42 -20.79 10.20
CA SER A 339 10.61 -19.58 10.33
C SER A 339 9.25 -19.90 10.96
N LYS A 340 8.61 -20.98 10.51
CA LYS A 340 7.34 -21.36 11.08
C LYS A 340 7.43 -21.70 12.57
N GLU A 341 8.48 -22.41 12.96
CA GLU A 341 8.69 -22.78 14.34
C GLU A 341 8.97 -21.56 15.21
N LEU A 342 9.54 -20.52 14.63
CA LEU A 342 9.70 -19.22 15.30
C LEU A 342 8.44 -18.33 15.26
N GLY A 343 7.38 -18.77 14.61
CA GLY A 343 6.07 -18.10 14.64
C GLY A 343 5.66 -17.30 13.39
N PHE A 344 6.50 -17.31 12.36
CA PHE A 344 6.15 -16.68 11.09
C PHE A 344 5.35 -17.63 10.22
N LEU A 345 4.05 -17.36 10.10
CA LEU A 345 3.15 -18.23 9.35
C LEU A 345 2.68 -17.60 8.01
N GLY A 346 3.39 -16.58 7.53
CA GLY A 346 3.11 -15.98 6.24
C GLY A 346 3.37 -16.99 5.12
N PHE A 347 2.51 -16.99 4.12
CA PHE A 347 2.63 -17.89 2.98
C PHE A 347 1.97 -17.25 1.73
N ARG A 348 2.21 -17.85 0.56
CA ARG A 348 1.43 -17.58 -0.64
C ARG A 348 1.19 -18.87 -1.41
N ASN A 349 0.07 -18.92 -2.09
CA ASN A 349 -0.16 -19.91 -3.14
C ASN A 349 0.70 -19.48 -4.38
N SER A 350 1.74 -20.25 -4.70
CA SER A 350 2.69 -19.87 -5.74
C SER A 350 2.10 -19.66 -7.16
N MET A 351 1.13 -20.49 -7.51
CA MET A 351 0.41 -20.33 -8.76
C MET A 351 -0.35 -19.00 -8.76
N LYS A 352 -0.99 -18.66 -7.65
CA LYS A 352 -1.68 -17.36 -7.53
C LYS A 352 -0.72 -16.17 -7.46
N SER A 353 0.43 -16.36 -6.82
CA SER A 353 1.49 -15.37 -6.73
C SER A 353 2.02 -15.02 -8.13
N PHE A 354 2.23 -16.02 -8.97
CA PHE A 354 2.76 -15.82 -10.31
C PHE A 354 1.79 -14.95 -11.12
N VAL A 355 0.50 -15.26 -11.02
CA VAL A 355 -0.53 -14.54 -11.76
C VAL A 355 -0.66 -13.12 -11.20
N SER A 356 -0.58 -12.98 -9.89
CA SER A 356 -0.65 -11.66 -9.26
CA SER A 356 -0.64 -11.66 -9.25
C SER A 356 0.49 -10.75 -9.72
N CYS A 357 1.67 -11.31 -9.93
CA CYS A 357 2.78 -10.57 -10.49
C CYS A 357 2.49 -10.14 -11.94
N ILE A 358 1.96 -11.04 -12.77
CA ILE A 358 1.54 -10.62 -14.11
C ILE A 358 0.53 -9.47 -14.05
N ASP A 359 -0.52 -9.65 -13.24
CA ASP A 359 -1.55 -8.63 -13.09
C ASP A 359 -0.94 -7.29 -12.68
N LYS A 360 -0.04 -7.34 -11.72
CA LYS A 360 0.57 -6.12 -11.19
C LYS A 360 1.45 -5.44 -12.25
N MET A 361 2.23 -6.22 -13.00
CA MET A 361 3.06 -5.63 -14.04
C MET A 361 2.23 -4.97 -15.17
N ARG A 362 1.06 -5.54 -15.46
CA ARG A 362 0.11 -4.96 -16.40
C ARG A 362 -0.53 -3.68 -15.86
N ASP A 363 -0.94 -3.67 -14.58
CA ASP A 363 -1.45 -2.43 -13.91
C ASP A 363 -0.47 -1.28 -13.97
N TYR A 364 0.82 -1.60 -13.79
CA TYR A 364 1.90 -0.59 -13.81
CA TYR A 364 1.88 -0.61 -13.79
C TYR A 364 2.26 -0.19 -15.24
N ARG A 365 1.70 -0.86 -16.25
CA ARG A 365 1.99 -0.68 -17.67
C ARG A 365 3.44 -1.01 -18.04
N PHE A 366 4.04 -1.94 -17.31
CA PHE A 366 5.36 -2.46 -17.68
C PHE A 366 5.21 -3.50 -18.80
N ILE A 367 4.09 -4.20 -18.84
CA ILE A 367 3.83 -5.23 -19.87
C ILE A 367 2.39 -5.04 -20.37
N PRO A 368 2.09 -5.47 -21.61
CA PRO A 368 0.71 -5.34 -22.11
C PRO A 368 -0.26 -6.36 -21.50
N GLY B 3 -39.27 -19.02 1.45
CA GLY B 3 -39.71 -17.62 1.14
C GLY B 3 -39.07 -17.05 -0.12
N VAL B 4 -39.90 -16.50 -1.01
CA VAL B 4 -39.46 -15.91 -2.29
C VAL B 4 -38.38 -14.85 -2.14
N CYS B 5 -37.46 -14.80 -3.10
CA CYS B 5 -36.34 -13.85 -3.07
C CYS B 5 -36.86 -12.42 -2.83
N LYS B 6 -36.16 -11.66 -1.99
CA LYS B 6 -36.54 -10.29 -1.66
C LYS B 6 -36.31 -9.35 -2.86
N SER B 7 -37.27 -8.48 -3.14
CA SER B 7 -37.14 -7.49 -4.22
C SER B 7 -36.44 -6.21 -3.68
N TYR B 8 -35.54 -5.67 -4.48
CA TYR B 8 -34.92 -4.39 -4.20
C TYR B 8 -34.97 -3.57 -5.46
N LYS B 9 -35.08 -2.26 -5.29
CA LYS B 9 -35.07 -1.36 -6.40
C LYS B 9 -33.64 -1.11 -6.86
N SER B 10 -32.72 -1.00 -5.90
CA SER B 10 -31.32 -0.70 -6.21
C SER B 10 -30.41 -1.55 -5.34
N VAL B 11 -29.18 -1.79 -5.81
CA VAL B 11 -28.23 -2.65 -5.13
C VAL B 11 -26.88 -1.97 -5.11
N ALA B 12 -26.46 -1.54 -3.90
CA ALA B 12 -25.24 -0.82 -3.71
C ALA B 12 -24.09 -1.76 -3.39
N LEU B 13 -22.96 -1.51 -4.02
CA LEU B 13 -21.67 -2.03 -3.56
C LEU B 13 -20.96 -0.85 -2.90
N VAL B 14 -20.81 -0.89 -1.59
CA VAL B 14 -20.08 0.16 -0.84
C VAL B 14 -18.69 -0.36 -0.55
N VAL B 15 -17.71 0.18 -1.26
CA VAL B 15 -16.33 -0.26 -1.09
C VAL B 15 -15.65 0.64 -0.06
N GLY B 16 -15.31 0.04 1.09
CA GLY B 16 -14.90 0.79 2.30
C GLY B 16 -16.04 1.00 3.29
N VAL B 17 -16.79 -0.07 3.55
CA VAL B 17 -18.01 0.02 4.39
C VAL B 17 -17.74 0.32 5.87
N THR B 18 -16.52 0.07 6.32
CA THR B 18 -16.12 0.38 7.71
C THR B 18 -15.56 1.80 7.86
N GLY B 19 -15.41 2.51 6.74
CA GLY B 19 -14.81 3.82 6.73
C GLY B 19 -15.74 4.90 7.23
N ILE B 20 -15.20 6.11 7.28
CA ILE B 20 -15.94 7.25 7.84
C ILE B 20 -17.19 7.65 7.04
N VAL B 21 -17.17 7.42 5.72
CA VAL B 21 -18.33 7.63 4.89
C VAL B 21 -19.06 6.30 4.61
N GLY B 22 -18.31 5.25 4.30
CA GLY B 22 -18.92 3.94 4.11
C GLY B 22 -19.85 3.50 5.24
N SER B 23 -19.50 3.81 6.49
CA SER B 23 -20.29 3.43 7.63
C SER B 23 -21.60 4.21 7.66
N SER B 24 -21.55 5.47 7.23
CA SER B 24 -22.75 6.29 7.12
CA SER B 24 -22.76 6.29 7.13
C SER B 24 -23.64 5.79 5.98
N LEU B 25 -23.04 5.45 4.87
CA LEU B 25 -23.79 4.86 3.73
C LEU B 25 -24.51 3.59 4.11
N ALA B 26 -23.85 2.77 4.94
CA ALA B 26 -24.48 1.55 5.45
C ALA B 26 -25.74 1.85 6.27
N GLU B 27 -25.79 3.02 6.90
CA GLU B 27 -26.97 3.44 7.65
C GLU B 27 -28.00 4.09 6.73
N VAL B 28 -27.54 5.08 5.98
CA VAL B 28 -28.41 5.92 5.18
C VAL B 28 -29.12 5.14 4.06
N LEU B 29 -28.38 4.27 3.38
CA LEU B 29 -28.97 3.48 2.27
C LEU B 29 -30.14 2.62 2.69
N LYS B 30 -30.20 2.24 3.97
CA LYS B 30 -31.21 1.31 4.45
C LYS B 30 -32.42 2.01 5.04
N LEU B 31 -32.41 3.34 5.09
CA LEU B 31 -33.59 4.07 5.56
C LEU B 31 -34.73 3.97 4.55
N PRO B 32 -35.97 3.94 5.04
CA PRO B 32 -37.10 3.73 4.13
C PRO B 32 -37.30 4.82 3.08
N ASP B 33 -37.00 6.08 3.38
CA ASP B 33 -37.25 7.19 2.44
C ASP B 33 -36.03 7.59 1.61
N THR B 34 -34.97 6.81 1.65
CA THR B 34 -33.79 7.15 0.88
C THR B 34 -34.09 7.03 -0.60
N PRO B 35 -33.73 8.06 -1.39
CA PRO B 35 -33.89 7.99 -2.85
C PRO B 35 -33.28 6.69 -3.44
N GLY B 36 -34.00 6.07 -4.37
CA GLY B 36 -33.56 4.85 -5.02
C GLY B 36 -33.89 3.56 -4.28
N GLY B 37 -34.54 3.68 -3.13
CA GLY B 37 -34.81 2.54 -2.24
C GLY B 37 -36.05 1.80 -2.71
N PRO B 38 -36.28 0.56 -2.23
CA PRO B 38 -35.46 -0.10 -1.21
C PRO B 38 -34.08 -0.55 -1.75
N TRP B 39 -33.04 -0.27 -0.96
CA TRP B 39 -31.66 -0.64 -1.30
C TRP B 39 -31.24 -1.90 -0.59
N LYS B 40 -30.58 -2.78 -1.34
CA LYS B 40 -29.75 -3.86 -0.81
C LYS B 40 -28.33 -3.34 -0.80
N VAL B 41 -27.58 -3.68 0.24
CA VAL B 41 -26.23 -3.17 0.42
C VAL B 41 -25.23 -4.28 0.62
N TYR B 42 -24.26 -4.36 -0.29
CA TYR B 42 -23.05 -5.13 -0.10
C TYR B 42 -22.00 -4.15 0.45
N GLY B 43 -21.37 -4.51 1.54
CA GLY B 43 -20.32 -3.70 2.14
C GLY B 43 -19.01 -4.44 2.12
N VAL B 44 -18.01 -3.83 1.50
CA VAL B 44 -16.67 -4.44 1.35
C VAL B 44 -15.65 -3.73 2.23
N ALA B 45 -14.86 -4.53 2.94
CA ALA B 45 -13.67 -4.06 3.64
C ALA B 45 -12.69 -5.22 3.82
N ARG B 46 -11.48 -4.91 4.24
CA ARG B 46 -10.39 -5.89 4.33
C ARG B 46 -10.39 -6.70 5.65
N ARG B 47 -10.67 -6.03 6.75
CA ARG B 47 -10.74 -6.69 8.06
C ARG B 47 -12.00 -7.59 8.21
N PRO B 48 -12.01 -8.48 9.21
CA PRO B 48 -13.25 -9.19 9.51
C PRO B 48 -14.34 -8.21 9.92
N CYS B 49 -15.59 -8.50 9.58
CA CYS B 49 -16.71 -7.62 9.93
C CYS B 49 -16.69 -7.31 11.43
N PRO B 50 -16.60 -6.04 11.81
CA PRO B 50 -16.69 -5.77 13.25
C PRO B 50 -18.12 -6.00 13.79
N VAL B 51 -18.22 -6.24 15.09
CA VAL B 51 -19.51 -6.51 15.76
C VAL B 51 -20.51 -5.39 15.50
N TRP B 52 -20.08 -4.13 15.65
CA TRP B 52 -20.99 -3.00 15.39
C TRP B 52 -21.60 -3.03 13.98
N LEU B 53 -20.84 -3.48 12.98
CA LEU B 53 -21.37 -3.55 11.62
C LEU B 53 -22.20 -4.81 11.35
N ALA B 54 -21.86 -5.90 12.02
CA ALA B 54 -22.70 -7.11 11.96
C ALA B 54 -24.14 -6.88 12.46
N LYS B 55 -24.38 -5.83 13.27
CA LYS B 55 -25.73 -5.48 13.72
C LYS B 55 -26.52 -4.55 12.75
N LYS B 56 -26.03 -4.41 11.52
CA LYS B 56 -26.69 -3.65 10.48
C LYS B 56 -27.12 -4.59 9.36
N PRO B 57 -28.20 -4.26 8.62
CA PRO B 57 -28.69 -5.11 7.52
C PRO B 57 -27.85 -4.86 6.25
N VAL B 58 -26.58 -5.22 6.35
CA VAL B 58 -25.58 -5.05 5.30
C VAL B 58 -24.95 -6.43 5.09
N GLU B 59 -24.81 -6.84 3.84
N GLU B 59 -24.85 -6.87 3.83
CA GLU B 59 -24.15 -8.08 3.53
CA GLU B 59 -24.13 -8.10 3.51
C GLU B 59 -22.66 -7.80 3.41
C GLU B 59 -22.64 -7.76 3.43
N TYR B 60 -21.88 -8.23 4.39
CA TYR B 60 -20.46 -7.89 4.48
C TYR B 60 -19.65 -8.84 3.63
N ILE B 61 -18.69 -8.27 2.93
CA ILE B 61 -17.82 -9.05 2.10
C ILE B 61 -16.40 -8.68 2.47
N GLN B 62 -15.71 -9.62 3.09
CA GLN B 62 -14.34 -9.43 3.50
C GLN B 62 -13.49 -9.70 2.26
N CYS B 63 -12.73 -8.70 1.85
CA CYS B 63 -11.98 -8.79 0.61
C CYS B 63 -10.88 -7.75 0.58
N ASP B 64 -9.68 -8.16 0.22
CA ASP B 64 -8.59 -7.23 -0.03
C ASP B 64 -8.67 -6.81 -1.47
N VAL B 65 -9.18 -5.61 -1.71
CA VAL B 65 -9.45 -5.17 -3.06
C VAL B 65 -8.16 -4.79 -3.82
N SER B 66 -7.02 -4.80 -3.15
CA SER B 66 -5.73 -4.57 -3.82
C SER B 66 -5.22 -5.81 -4.55
N ASN B 67 -5.89 -6.94 -4.31
CA ASN B 67 -5.56 -8.24 -4.89
C ASN B 67 -6.62 -8.55 -5.93
N ASN B 68 -6.19 -8.56 -7.19
CA ASN B 68 -7.12 -8.77 -8.29
C ASN B 68 -7.84 -10.13 -8.27
N GLN B 69 -7.10 -11.21 -8.08
CA GLN B 69 -7.75 -12.55 -8.09
C GLN B 69 -8.78 -12.72 -6.98
N GLU B 70 -8.47 -12.17 -5.81
CA GLU B 70 -9.39 -12.23 -4.68
C GLU B 70 -10.65 -11.42 -4.96
N THR B 71 -10.48 -10.24 -5.52
CA THR B 71 -11.61 -9.37 -5.86
C THR B 71 -12.53 -9.97 -6.91
N ILE B 72 -11.94 -10.53 -7.95
CA ILE B 72 -12.71 -11.30 -8.93
C ILE B 72 -13.49 -12.41 -8.24
N SER B 73 -12.81 -13.21 -7.40
CA SER B 73 -13.47 -14.35 -6.78
C SER B 73 -14.61 -13.91 -5.88
N LYS B 74 -14.43 -12.78 -5.20
CA LYS B 74 -15.41 -12.31 -4.23
C LYS B 74 -16.55 -11.48 -4.82
N LEU B 75 -16.25 -10.65 -5.82
CA LEU B 75 -17.24 -9.73 -6.35
C LEU B 75 -17.91 -10.15 -7.66
N SER B 76 -17.25 -10.95 -8.47
CA SER B 76 -17.87 -11.42 -9.73
C SER B 76 -19.18 -12.20 -9.58
N PRO B 77 -19.42 -12.89 -8.43
CA PRO B 77 -20.76 -13.48 -8.23
C PRO B 77 -21.91 -12.49 -7.95
N LEU B 78 -21.61 -11.22 -7.72
CA LEU B 78 -22.63 -10.25 -7.34
C LEU B 78 -23.27 -9.63 -8.58
N LYS B 79 -24.14 -10.42 -9.24
CA LYS B 79 -24.70 -10.05 -10.54
C LYS B 79 -25.74 -8.93 -10.49
N ASP B 80 -26.23 -8.58 -9.30
CA ASP B 80 -27.36 -7.67 -9.16
C ASP B 80 -26.97 -6.23 -8.82
N ILE B 81 -25.68 -5.93 -8.72
CA ILE B 81 -25.22 -4.57 -8.36
C ILE B 81 -25.73 -3.53 -9.38
N THR B 82 -26.28 -2.42 -8.89
CA THR B 82 -26.73 -1.33 -9.75
C THR B 82 -25.87 -0.08 -9.60
N HIS B 83 -25.33 0.16 -8.40
CA HIS B 83 -24.54 1.38 -8.12
C HIS B 83 -23.32 1.02 -7.28
N ILE B 84 -22.15 1.53 -7.68
CA ILE B 84 -20.93 1.37 -6.91
C ILE B 84 -20.64 2.68 -6.17
N PHE B 85 -20.34 2.61 -4.88
CA PHE B 85 -19.85 3.75 -4.07
C PHE B 85 -18.44 3.41 -3.61
N TYR B 86 -17.46 4.00 -4.27
CA TYR B 86 -16.08 3.76 -3.94
C TYR B 86 -15.64 4.83 -2.90
N VAL B 87 -15.57 4.42 -1.64
CA VAL B 87 -15.29 5.30 -0.50
C VAL B 87 -14.14 4.71 0.31
N SER B 88 -13.04 4.43 -0.40
CA SER B 88 -11.93 3.70 0.15
C SER B 88 -10.61 4.28 -0.36
N TRP B 89 -9.56 4.02 0.38
CA TRP B 89 -8.17 4.24 -0.05
C TRP B 89 -7.28 3.33 0.80
N ILE B 90 -6.04 3.09 0.37
CA ILE B 90 -5.17 2.11 1.03
C ILE B 90 -4.62 2.66 2.35
N GLY B 91 -4.66 3.97 2.54
CA GLY B 91 -4.07 4.59 3.75
C GLY B 91 -2.65 5.07 3.57
N SER B 92 -2.15 5.03 2.35
CA SER B 92 -0.99 5.79 1.91
C SER B 92 -1.31 6.51 0.60
N GLU B 93 -0.41 7.40 0.21
CA GLU B 93 -0.56 8.17 -1.02
C GLU B 93 0.02 7.48 -2.27
N ASP B 94 0.43 6.22 -2.13
CA ASP B 94 0.92 5.41 -3.23
C ASP B 94 -0.11 5.40 -4.36
N CYS B 95 0.26 6.00 -5.48
CA CYS B 95 -0.69 6.15 -6.58
C CYS B 95 -1.11 4.80 -7.19
N GLN B 96 -0.12 3.93 -7.41
CA GLN B 96 -0.42 2.69 -8.10
CA GLN B 96 -0.35 2.62 -8.06
C GLN B 96 -1.27 1.74 -7.24
N THR B 97 -1.02 1.68 -5.93
CA THR B 97 -1.80 0.77 -5.07
C THR B 97 -3.25 1.22 -5.02
N ASN B 98 -3.48 2.52 -4.81
CA ASN B 98 -4.84 3.06 -4.84
C ASN B 98 -5.53 2.86 -6.18
N ALA B 99 -4.80 3.10 -7.26
CA ALA B 99 -5.34 2.89 -8.60
C ALA B 99 -5.73 1.44 -8.80
N THR B 100 -4.86 0.53 -8.38
CA THR B 100 -5.10 -0.91 -8.53
C THR B 100 -6.41 -1.28 -7.84
N MET B 101 -6.61 -0.79 -6.63
CA MET B 101 -7.84 -1.09 -5.86
C MET B 101 -9.09 -0.75 -6.63
N PHE B 102 -9.13 0.45 -7.19
CA PHE B 102 -10.31 0.92 -7.89
C PHE B 102 -10.51 0.16 -9.22
N LYS B 103 -9.43 -0.04 -9.98
CA LYS B 103 -9.45 -0.86 -11.21
C LYS B 103 -10.03 -2.25 -10.92
N ASN B 104 -9.59 -2.84 -9.80
CA ASN B 104 -10.00 -4.20 -9.47
C ASN B 104 -11.51 -4.26 -9.26
N ILE B 105 -12.05 -3.27 -8.56
CA ILE B 105 -13.50 -3.19 -8.35
C ILE B 105 -14.22 -3.16 -9.70
N LEU B 106 -13.80 -2.27 -10.58
CA LEU B 106 -14.49 -2.11 -11.86
C LEU B 106 -14.34 -3.33 -12.76
N ASN B 107 -13.12 -3.88 -12.83
CA ASN B 107 -12.87 -5.08 -13.64
C ASN B 107 -13.64 -6.29 -13.17
N SER B 108 -13.94 -6.36 -11.87
CA SER B 108 -14.66 -7.48 -11.31
C SER B 108 -16.18 -7.31 -11.40
N VAL B 109 -16.67 -6.07 -11.34
CA VAL B 109 -18.14 -5.82 -11.33
C VAL B 109 -18.72 -5.55 -12.71
N ILE B 110 -18.05 -4.74 -13.54
CA ILE B 110 -18.63 -4.32 -14.84
C ILE B 110 -18.97 -5.50 -15.76
N PRO B 111 -18.09 -6.51 -15.89
CA PRO B 111 -18.45 -7.66 -16.72
C PRO B 111 -19.58 -8.54 -16.16
N ASN B 112 -19.89 -8.40 -14.88
CA ASN B 112 -20.84 -9.32 -14.24
C ASN B 112 -22.18 -8.72 -13.83
N ALA B 113 -22.25 -7.40 -13.68
CA ALA B 113 -23.47 -6.74 -13.20
C ALA B 113 -24.20 -6.10 -14.37
N SER B 114 -25.10 -6.85 -15.02
CA SER B 114 -25.74 -6.37 -16.24
C SER B 114 -26.69 -5.19 -16.02
N ASN B 115 -27.09 -4.94 -14.78
CA ASN B 115 -27.93 -3.80 -14.44
C ASN B 115 -27.17 -2.64 -13.82
N LEU B 116 -25.84 -2.68 -13.88
CA LEU B 116 -25.02 -1.60 -13.35
C LEU B 116 -25.34 -0.29 -14.06
N GLN B 117 -25.49 0.79 -13.28
N GLN B 117 -25.50 0.80 -13.28
CA GLN B 117 -25.91 2.09 -13.79
CA GLN B 117 -25.90 2.10 -13.79
C GLN B 117 -24.85 3.18 -13.60
C GLN B 117 -24.86 3.19 -13.59
N HIS B 118 -24.23 3.21 -12.42
CA HIS B 118 -23.47 4.37 -11.97
C HIS B 118 -22.33 4.00 -11.05
N VAL B 119 -21.23 4.74 -11.19
CA VAL B 119 -20.10 4.63 -10.30
C VAL B 119 -19.85 5.98 -9.63
N CYS B 120 -19.96 5.99 -8.30
CA CYS B 120 -19.64 7.18 -7.45
CA CYS B 120 -19.63 7.16 -7.50
C CYS B 120 -18.21 7.00 -6.97
N LEU B 121 -17.35 7.97 -7.26
CA LEU B 121 -15.99 7.97 -6.78
C LEU B 121 -15.85 9.07 -5.76
N GLN B 122 -15.38 8.73 -4.57
CA GLN B 122 -15.07 9.73 -3.54
C GLN B 122 -13.59 10.05 -3.50
N THR B 123 -13.25 11.31 -3.74
CA THR B 123 -11.92 11.81 -3.53
C THR B 123 -12.02 12.85 -2.41
N GLY B 124 -11.63 14.11 -2.65
CA GLY B 124 -11.63 15.10 -1.61
C GLY B 124 -10.98 16.39 -2.02
N ILE B 125 -10.98 17.35 -1.10
CA ILE B 125 -10.46 18.67 -1.36
C ILE B 125 -8.94 18.72 -1.50
N LYS B 126 -8.21 17.66 -1.15
CA LYS B 126 -6.76 17.58 -1.51
C LYS B 126 -6.51 17.75 -3.01
N HIS B 127 -7.52 17.44 -3.83
CA HIS B 127 -7.48 17.78 -5.26
C HIS B 127 -7.03 19.22 -5.55
N TYR B 128 -7.40 20.14 -4.66
CA TYR B 128 -7.15 21.55 -4.86
C TYR B 128 -5.87 22.08 -4.25
N PHE B 129 -5.31 21.37 -3.26
CA PHE B 129 -4.13 21.91 -2.56
C PHE B 129 -2.90 21.00 -2.46
N GLY B 130 -3.04 19.72 -2.76
CA GLY B 130 -1.88 18.84 -2.87
C GLY B 130 -2.01 17.64 -1.97
N ILE B 131 -0.87 17.03 -1.68
CA ILE B 131 -0.80 15.76 -0.93
C ILE B 131 -0.08 15.97 0.42
N PHE B 132 -0.24 15.00 1.31
CA PHE B 132 0.40 15.08 2.63
C PHE B 132 1.90 14.77 2.63
N GLU B 133 2.40 13.97 1.66
CA GLU B 133 3.83 13.57 1.62
C GLU B 133 4.78 14.79 1.83
N GLU B 134 5.65 14.71 2.86
CA GLU B 134 6.46 15.85 3.32
C GLU B 134 7.38 16.48 2.26
N GLY B 135 7.91 15.66 1.35
CA GLY B 135 8.77 16.14 0.25
C GLY B 135 8.10 17.07 -0.76
N SER B 136 6.78 16.88 -0.95
CA SER B 136 6.03 17.60 -1.98
C SER B 136 5.84 19.09 -1.64
N LYS B 137 6.72 19.95 -2.17
CA LYS B 137 6.65 21.41 -1.99
C LYS B 137 5.91 22.08 -3.17
N VAL B 138 4.57 22.21 -3.04
CA VAL B 138 3.66 22.58 -4.14
C VAL B 138 2.78 23.80 -3.83
N VAL B 139 2.54 24.65 -4.84
CA VAL B 139 1.72 25.86 -4.69
C VAL B 139 0.24 25.51 -4.87
N PRO B 140 -0.53 25.49 -3.77
CA PRO B 140 -1.94 25.16 -3.94
C PRO B 140 -2.73 26.25 -4.68
N HIS B 141 -3.91 25.87 -5.15
CA HIS B 141 -4.89 26.84 -5.63
C HIS B 141 -5.32 27.71 -4.49
N ASP B 142 -5.72 28.93 -4.81
CA ASP B 142 -6.38 29.78 -3.83
C ASP B 142 -7.81 29.29 -3.74
N SER B 143 -8.48 29.69 -2.67
CA SER B 143 -9.86 29.28 -2.38
C SER B 143 -10.75 30.52 -2.47
N PRO B 144 -12.08 30.38 -2.39
CA PRO B 144 -12.85 29.15 -2.23
C PRO B 144 -12.68 28.19 -3.39
N PHE B 145 -12.49 26.91 -3.08
CA PHE B 145 -12.26 25.94 -4.12
C PHE B 145 -13.55 25.68 -4.87
N THR B 146 -13.48 25.79 -6.20
CA THR B 146 -14.57 25.41 -7.09
C THR B 146 -14.13 24.32 -8.04
N GLU B 147 -15.13 23.62 -8.56
CA GLU B 147 -14.90 22.46 -9.41
C GLU B 147 -14.36 22.75 -10.80
N ASP B 148 -14.22 24.02 -11.17
CA ASP B 148 -13.57 24.34 -12.45
C ASP B 148 -12.04 24.47 -12.33
N LEU B 149 -11.47 24.27 -11.14
CA LEU B 149 -10.01 24.45 -10.96
C LEU B 149 -9.22 23.30 -11.59
N PRO B 150 -8.14 23.59 -12.33
CA PRO B 150 -7.42 22.52 -13.03
C PRO B 150 -6.56 21.72 -12.06
N ARG B 151 -6.21 20.49 -12.44
CA ARG B 151 -5.33 19.64 -11.61
C ARG B 151 -4.02 20.30 -11.33
N LEU B 152 -3.52 20.18 -10.10
CA LEU B 152 -2.17 20.62 -9.78
C LEU B 152 -1.13 19.67 -10.40
N ASN B 153 0.09 20.17 -10.60
CA ASN B 153 1.16 19.31 -11.11
C ASN B 153 1.82 18.56 -9.94
N VAL B 154 1.11 17.55 -9.45
CA VAL B 154 1.57 16.71 -8.35
C VAL B 154 1.08 15.30 -8.61
N PRO B 155 1.80 14.28 -8.08
CA PRO B 155 1.33 12.91 -8.20
C PRO B 155 0.27 12.61 -7.13
N ASN B 156 -0.94 13.08 -7.41
CA ASN B 156 -2.08 12.86 -6.53
C ASN B 156 -2.84 11.67 -7.07
N PHE B 157 -3.02 10.64 -6.24
CA PHE B 157 -3.73 9.42 -6.66
C PHE B 157 -5.15 9.68 -7.11
N TYR B 158 -5.72 10.80 -6.68
CA TYR B 158 -7.05 11.24 -7.14
C TYR B 158 -7.11 11.38 -8.67
N HIS B 159 -6.01 11.80 -9.27
CA HIS B 159 -5.93 11.99 -10.73
C HIS B 159 -6.09 10.65 -11.43
N ASP B 160 -5.39 9.64 -10.91
CA ASP B 160 -5.44 8.28 -11.46
C ASP B 160 -6.83 7.64 -11.28
N LEU B 161 -7.42 7.82 -10.10
CA LEU B 161 -8.76 7.30 -9.86
C LEU B 161 -9.81 7.92 -10.82
N GLU B 162 -9.78 9.23 -10.96
CA GLU B 162 -10.66 9.89 -11.96
C GLU B 162 -10.47 9.35 -13.37
N ASP B 163 -9.21 9.20 -13.79
CA ASP B 163 -8.89 8.78 -15.13
C ASP B 163 -9.46 7.41 -15.41
N ILE B 164 -9.39 6.54 -14.42
CA ILE B 164 -9.94 5.19 -14.53
C ILE B 164 -11.47 5.29 -14.60
N LEU B 165 -12.05 6.07 -13.71
CA LEU B 165 -13.51 6.28 -13.69
C LEU B 165 -14.03 6.73 -15.07
N TYR B 166 -13.41 7.75 -15.63
CA TYR B 166 -13.86 8.28 -16.95
C TYR B 166 -13.74 7.25 -18.06
N GLU B 167 -12.61 6.57 -18.09
CA GLU B 167 -12.36 5.60 -19.14
C GLU B 167 -13.33 4.44 -19.06
N GLU B 168 -13.51 3.91 -17.86
CA GLU B 168 -14.30 2.69 -17.71
C GLU B 168 -15.80 2.95 -17.79
N THR B 169 -16.27 4.08 -17.30
CA THR B 169 -17.71 4.39 -17.42
C THR B 169 -18.06 4.72 -18.86
N GLY B 170 -17.20 5.53 -19.50
CA GLY B 170 -17.30 5.88 -20.92
C GLY B 170 -17.40 4.68 -21.84
N LYS B 171 -16.43 3.76 -21.75
CA LYS B 171 -16.45 2.49 -22.52
C LYS B 171 -17.76 1.70 -22.38
N ASN B 172 -18.37 1.73 -21.18
CA ASN B 172 -19.44 0.79 -20.82
C ASN B 172 -20.82 1.43 -20.65
N ASN B 173 -20.96 2.68 -21.07
CA ASN B 173 -22.24 3.40 -21.00
C ASN B 173 -22.81 3.44 -19.58
N LEU B 174 -21.95 3.82 -18.65
CA LEU B 174 -22.32 4.03 -17.27
C LEU B 174 -22.15 5.50 -16.98
N THR B 175 -22.93 6.01 -16.06
CA THR B 175 -22.73 7.37 -15.56
C THR B 175 -21.74 7.35 -14.42
N TRP B 176 -21.18 8.52 -14.11
CA TRP B 176 -20.14 8.66 -13.07
C TRP B 176 -20.39 9.93 -12.26
N SER B 177 -19.82 9.96 -11.07
CA SER B 177 -19.76 11.20 -10.29
C SER B 177 -18.52 11.15 -9.46
N VAL B 178 -17.88 12.31 -9.29
CA VAL B 178 -16.74 12.46 -8.45
C VAL B 178 -17.14 13.40 -7.32
N HIS B 179 -16.91 12.97 -6.07
CA HIS B 179 -17.29 13.74 -4.91
C HIS B 179 -16.07 14.12 -4.15
N ARG B 180 -15.97 15.41 -3.82
CA ARG B 180 -14.80 15.97 -3.18
C ARG B 180 -15.15 16.54 -1.82
N PRO B 181 -15.38 15.65 -0.84
CA PRO B 181 -15.70 16.14 0.47
C PRO B 181 -14.60 16.99 1.10
N ALA B 182 -15.04 17.90 1.94
CA ALA B 182 -14.17 18.58 2.89
C ALA B 182 -13.80 17.59 4.05
N LEU B 183 -13.07 18.08 5.06
CA LEU B 183 -12.81 17.36 6.27
C LEU B 183 -14.09 16.70 6.78
N VAL B 184 -14.06 15.37 7.02
CA VAL B 184 -15.31 14.66 7.41
C VAL B 184 -15.52 14.62 8.92
N PHE B 185 -16.72 15.03 9.35
CA PHE B 185 -17.19 14.82 10.71
C PHE B 185 -17.99 13.52 10.70
N GLY B 186 -17.48 12.48 11.37
CA GLY B 186 -18.09 11.17 11.34
C GLY B 186 -17.85 10.38 12.62
N PHE B 187 -18.26 9.12 12.60
CA PHE B 187 -18.32 8.30 13.82
C PHE B 187 -17.57 6.98 13.76
N SER B 188 -17.06 6.57 12.60
CA SER B 188 -16.35 5.31 12.50
C SER B 188 -15.10 5.26 13.38
N PRO B 189 -14.94 4.19 14.18
CA PRO B 189 -13.73 3.98 14.95
C PRO B 189 -12.64 3.25 14.17
N CYS B 190 -12.93 2.87 12.92
CA CYS B 190 -12.00 2.13 12.05
C CYS B 190 -11.46 3.00 10.93
N SER B 191 -11.58 4.33 11.03
CA SER B 191 -11.16 5.20 9.96
C SER B 191 -9.71 5.54 10.19
N MET B 192 -8.98 5.76 9.11
CA MET B 192 -7.61 6.25 9.24
C MET B 192 -7.53 7.77 9.43
N MET B 193 -8.65 8.48 9.25
CA MET B 193 -8.67 9.94 9.35
C MET B 193 -10.04 10.40 9.88
N ASN B 194 -10.26 10.21 11.18
CA ASN B 194 -11.50 10.65 11.83
C ASN B 194 -11.14 11.72 12.86
N ILE B 195 -11.32 12.98 12.48
CA ILE B 195 -10.93 14.10 13.35
C ILE B 195 -11.75 14.17 14.63
N VAL B 196 -13.06 13.91 14.56
CA VAL B 196 -13.88 14.00 15.78
C VAL B 196 -13.45 12.90 16.79
N SER B 197 -13.32 11.68 16.29
CA SER B 197 -12.89 10.57 17.10
C SER B 197 -11.54 10.90 17.73
N THR B 198 -10.63 11.40 16.91
CA THR B 198 -9.30 11.73 17.37
C THR B 198 -9.31 12.76 18.51
N LEU B 199 -10.06 13.84 18.33
CA LEU B 199 -10.16 14.87 19.37
C LEU B 199 -10.93 14.41 20.60
N CYS B 200 -11.94 13.57 20.41
CA CYS B 200 -12.65 12.95 21.54
C CYS B 200 -11.75 12.06 22.38
N VAL B 201 -10.87 11.29 21.71
CA VAL B 201 -9.93 10.41 22.40
C VAL B 201 -8.95 11.28 23.20
N TYR B 202 -8.43 12.33 22.59
CA TYR B 202 -7.56 13.25 23.29
C TYR B 202 -8.25 13.83 24.54
N ALA B 203 -9.46 14.33 24.37
CA ALA B 203 -10.24 14.89 25.47
C ALA B 203 -10.49 13.86 26.56
N THR B 204 -10.82 12.63 26.17
CA THR B 204 -11.05 11.53 27.12
C THR B 204 -9.82 11.24 27.98
N ILE B 205 -8.66 11.18 27.33
CA ILE B 205 -7.38 10.99 28.00
C ILE B 205 -7.07 12.15 28.93
N CYS B 206 -7.26 13.38 28.46
CA CYS B 206 -7.09 14.56 29.34
C CYS B 206 -7.95 14.43 30.59
N LYS B 207 -9.22 14.08 30.40
CA LYS B 207 -10.16 13.95 31.51
C LYS B 207 -9.70 12.84 32.45
N HIS B 208 -9.39 11.68 31.88
CA HIS B 208 -8.83 10.56 32.65
C HIS B 208 -7.62 10.91 33.51
N GLU B 209 -6.76 11.79 32.98
CA GLU B 209 -5.54 12.23 33.69
C GLU B 209 -5.69 13.53 34.50
N ASN B 210 -6.94 13.99 34.68
CA ASN B 210 -7.25 15.28 35.35
C ASN B 210 -6.43 16.45 34.82
N LYS B 211 -6.35 16.54 33.50
CA LYS B 211 -5.60 17.59 32.85
C LYS B 211 -6.57 18.38 32.01
N ALA B 212 -6.20 19.62 31.72
CA ALA B 212 -7.00 20.47 30.86
C ALA B 212 -6.94 20.03 29.40
N LEU B 213 -7.97 20.39 28.64
CA LEU B 213 -7.98 20.23 27.20
C LEU B 213 -7.12 21.33 26.58
N VAL B 214 -5.85 21.05 26.41
CA VAL B 214 -4.89 22.03 25.92
C VAL B 214 -4.88 21.96 24.40
N TYR B 215 -5.25 23.06 23.75
CA TYR B 215 -5.09 23.19 22.29
C TYR B 215 -3.60 23.17 21.89
N PRO B 216 -3.21 22.16 21.08
CA PRO B 216 -1.80 22.04 20.64
C PRO B 216 -1.47 22.71 19.28
N GLY B 217 -2.46 23.28 18.61
CA GLY B 217 -2.29 23.74 17.23
C GLY B 217 -1.65 25.09 17.00
N SER B 218 -1.64 25.50 15.72
CA SER B 218 -1.07 26.77 15.30
C SER B 218 -2.07 27.88 15.60
N LYS B 219 -1.54 29.10 15.70
CA LYS B 219 -2.38 30.29 15.81
C LYS B 219 -3.34 30.38 14.65
N ASN B 220 -2.81 30.21 13.45
CA ASN B 220 -3.62 30.40 12.24
C ASN B 220 -4.80 29.46 12.19
N SER B 221 -4.60 28.20 12.58
CA SER B 221 -5.67 27.22 12.48
C SER B 221 -6.71 27.39 13.60
N TRP B 222 -6.32 28.05 14.69
CA TRP B 222 -7.27 28.43 15.73
C TRP B 222 -8.27 29.50 15.23
N ASN B 223 -7.75 30.52 14.56
CA ASN B 223 -8.51 31.73 14.23
C ASN B 223 -9.10 31.77 12.81
N CYS B 224 -8.64 30.89 11.93
CA CYS B 224 -9.05 30.94 10.52
C CYS B 224 -10.42 30.29 10.36
N TYR B 225 -11.05 30.59 9.23
CA TYR B 225 -12.28 29.92 8.88
C TYR B 225 -11.95 28.54 8.34
N ALA B 226 -12.73 27.55 8.81
CA ALA B 226 -12.60 26.16 8.39
C ALA B 226 -13.95 25.67 7.96
N ASP B 227 -13.95 24.59 7.20
CA ASP B 227 -15.21 23.92 6.92
C ASP B 227 -15.03 22.41 6.97
N ALA B 228 -16.16 21.73 7.00
CA ALA B 228 -16.19 20.29 7.16
C ALA B 228 -17.45 19.79 6.55
N VAL B 229 -17.59 18.47 6.56
CA VAL B 229 -18.78 17.81 6.08
C VAL B 229 -19.19 16.62 6.97
N ASP B 230 -20.46 16.60 7.36
N ASP B 230 -20.48 16.57 7.32
CA ASP B 230 -20.99 15.48 8.12
CA ASP B 230 -21.03 15.46 8.07
C ASP B 230 -21.00 14.25 7.22
C ASP B 230 -20.99 14.24 7.18
N ALA B 231 -20.61 13.08 7.75
CA ALA B 231 -20.60 11.84 6.94
C ALA B 231 -21.96 11.49 6.34
N ASP B 232 -23.04 11.75 7.10
CA ASP B 232 -24.39 11.53 6.61
C ASP B 232 -24.73 12.42 5.42
N LEU B 233 -24.22 13.64 5.43
CA LEU B 233 -24.43 14.54 4.29
C LEU B 233 -23.66 14.08 3.08
N VAL B 234 -22.43 13.60 3.28
CA VAL B 234 -21.69 13.00 2.16
C VAL B 234 -22.48 11.81 1.56
N ALA B 235 -22.97 10.93 2.43
CA ALA B 235 -23.81 9.82 1.98
C ALA B 235 -25.01 10.31 1.16
N GLU B 236 -25.72 11.30 1.68
CA GLU B 236 -26.86 11.89 0.99
CA GLU B 236 -26.87 11.90 1.01
C GLU B 236 -26.47 12.49 -0.37
N HIS B 237 -25.32 13.14 -0.41
CA HIS B 237 -24.80 13.74 -1.66
C HIS B 237 -24.44 12.69 -2.73
N GLU B 238 -23.76 11.63 -2.28
CA GLU B 238 -23.43 10.49 -3.17
C GLU B 238 -24.66 9.75 -3.68
N ILE B 239 -25.65 9.59 -2.82
CA ILE B 239 -26.91 8.97 -3.20
C ILE B 239 -27.69 9.84 -4.18
N TRP B 240 -27.73 11.14 -3.91
CA TRP B 240 -28.32 12.12 -4.86
C TRP B 240 -27.71 12.01 -6.28
N ALA B 241 -26.38 11.98 -6.36
CA ALA B 241 -25.71 11.81 -7.64
C ALA B 241 -25.99 10.47 -8.29
N ALA B 242 -26.20 9.43 -7.48
CA ALA B 242 -26.50 8.08 -7.99
C ALA B 242 -27.88 7.91 -8.58
N VAL B 243 -28.81 8.71 -8.10
CA VAL B 243 -30.20 8.58 -8.42
C VAL B 243 -30.78 9.73 -9.26
N ASP B 244 -30.30 10.96 -9.08
CA ASP B 244 -30.88 12.13 -9.77
C ASP B 244 -30.21 12.41 -11.12
N PRO B 245 -30.98 12.39 -12.23
CA PRO B 245 -30.39 12.70 -13.56
C PRO B 245 -29.58 14.02 -13.64
N LYS B 246 -29.97 15.04 -12.89
CA LYS B 246 -29.28 16.35 -12.92
C LYS B 246 -27.86 16.32 -12.43
N ALA B 247 -27.54 15.38 -11.53
CA ALA B 247 -26.20 15.28 -10.95
C ALA B 247 -25.22 14.39 -11.72
N LYS B 248 -25.71 13.68 -12.75
CA LYS B 248 -24.89 12.67 -13.42
C LYS B 248 -23.74 13.28 -14.20
N ASN B 249 -22.62 12.56 -14.23
CA ASN B 249 -21.42 12.95 -14.94
C ASN B 249 -20.97 14.32 -14.52
N GLN B 250 -20.83 14.50 -13.21
CA GLN B 250 -20.40 15.79 -12.61
C GLN B 250 -19.40 15.58 -11.52
N VAL B 251 -18.45 16.51 -11.45
CA VAL B 251 -17.53 16.65 -10.33
C VAL B 251 -18.18 17.60 -9.36
N LEU B 252 -18.21 17.23 -8.08
CA LEU B 252 -19.01 17.95 -7.11
C LEU B 252 -18.33 17.99 -5.77
N ASN B 253 -18.15 19.19 -5.22
CA ASN B 253 -17.73 19.35 -3.83
C ASN B 253 -18.87 18.96 -2.89
N CYS B 254 -18.50 18.61 -1.66
CA CYS B 254 -19.45 18.29 -0.61
C CYS B 254 -18.99 18.87 0.74
N ASN B 255 -19.66 19.92 1.22
CA ASN B 255 -19.45 20.39 2.59
C ASN B 255 -20.78 20.75 3.22
N ASN B 256 -20.73 21.06 4.52
CA ASN B 256 -21.93 21.36 5.31
C ASN B 256 -22.65 22.64 4.95
N GLY B 257 -22.01 23.50 4.16
CA GLY B 257 -22.60 24.72 3.67
C GLY B 257 -22.33 25.96 4.52
N ASP B 258 -21.59 25.79 5.61
CA ASP B 258 -21.20 26.88 6.53
C ASP B 258 -19.73 26.85 6.79
N VAL B 259 -19.24 27.75 7.65
CA VAL B 259 -17.86 27.72 8.09
C VAL B 259 -17.88 27.74 9.62
N PHE B 260 -16.76 27.33 10.20
CA PHE B 260 -16.57 27.39 11.65
C PHE B 260 -15.12 27.76 11.91
N LYS B 261 -14.80 27.88 13.20
CA LYS B 261 -13.42 28.04 13.64
C LYS B 261 -13.11 27.03 14.72
N TRP B 262 -11.90 26.49 14.69
CA TRP B 262 -11.44 25.53 15.69
C TRP B 262 -11.48 26.12 17.10
N LYS B 263 -11.24 27.43 17.20
CA LYS B 263 -11.40 28.16 18.45
C LYS B 263 -12.76 27.84 19.13
N HIS B 264 -13.82 27.85 18.33
CA HIS B 264 -15.19 27.67 18.86
C HIS B 264 -15.49 26.20 19.11
N ILE B 265 -15.02 25.35 18.21
CA ILE B 265 -15.13 23.90 18.35
C ILE B 265 -14.47 23.42 19.65
N TRP B 266 -13.30 23.99 19.95
CA TRP B 266 -12.51 23.63 21.13
C TRP B 266 -13.24 23.84 22.46
N LYS B 267 -13.89 24.99 22.56
CA LYS B 267 -14.71 25.32 23.71
C LYS B 267 -15.86 24.32 23.86
N LYS B 268 -16.56 24.02 22.77
CA LYS B 268 -17.62 23.00 22.78
C LYS B 268 -17.11 21.64 23.20
N LEU B 269 -15.92 21.27 22.72
CA LEU B 269 -15.31 19.99 23.06
C LEU B 269 -15.04 19.88 24.56
N ALA B 270 -14.49 20.94 25.12
CA ALA B 270 -14.23 20.99 26.56
C ALA B 270 -15.53 20.87 27.36
N GLU B 271 -16.56 21.61 26.94
CA GLU B 271 -17.88 21.53 27.59
C GLU B 271 -18.51 20.14 27.51
N GLU B 272 -18.39 19.50 26.35
CA GLU B 272 -18.89 18.13 26.18
C GLU B 272 -18.24 17.09 27.08
N PHE B 273 -16.97 17.31 27.42
CA PHE B 273 -16.27 16.42 28.33
C PHE B 273 -16.18 16.96 29.76
N GLY B 274 -16.73 18.13 30.03
CA GLY B 274 -16.80 18.70 31.38
C GLY B 274 -15.43 18.91 31.96
N ILE B 275 -14.49 19.39 31.14
CA ILE B 275 -13.15 19.74 31.57
C ILE B 275 -12.81 21.17 31.19
N GLU B 276 -11.78 21.71 31.84
CA GLU B 276 -11.24 23.05 31.53
C GLU B 276 -10.52 23.02 30.19
N MET B 277 -10.62 24.10 29.42
CA MET B 277 -9.80 24.24 28.22
C MET B 277 -8.70 25.25 28.46
N VAL B 278 -7.57 25.01 27.80
CA VAL B 278 -6.57 26.01 27.56
C VAL B 278 -6.60 26.20 26.05
N GLY B 279 -7.06 27.36 25.61
CA GLY B 279 -7.03 27.72 24.19
C GLY B 279 -5.64 28.07 23.69
N TYR B 280 -5.59 28.60 22.46
CA TYR B 280 -4.35 29.04 21.85
C TYR B 280 -3.75 30.16 22.71
N VAL B 281 -2.46 30.09 22.97
CA VAL B 281 -1.77 31.05 23.78
C VAL B 281 -0.86 31.84 22.85
N GLU B 282 -1.06 33.16 22.85
CA GLU B 282 -0.32 34.09 21.99
C GLU B 282 1.19 33.92 22.11
N GLY B 283 1.85 33.73 20.97
CA GLY B 283 3.29 33.53 20.92
C GLY B 283 3.76 32.08 20.95
N LYS B 284 2.86 31.13 21.24
CA LYS B 284 3.27 29.71 21.32
C LYS B 284 3.24 29.06 19.94
N GLU B 285 4.19 28.16 19.72
CA GLU B 285 4.29 27.41 18.47
C GLU B 285 3.47 26.15 18.62
N GLN B 286 2.97 25.64 17.48
CA GLN B 286 2.26 24.36 17.46
C GLN B 286 3.14 23.28 18.07
N VAL B 287 2.55 22.42 18.88
CA VAL B 287 3.22 21.21 19.35
C VAL B 287 2.52 20.00 18.70
N SER B 288 3.26 18.91 18.55
CA SER B 288 2.74 17.70 17.94
C SER B 288 1.87 16.93 18.92
N LEU B 289 0.58 16.83 18.59
CA LEU B 289 -0.32 15.94 19.30
C LEU B 289 0.05 14.44 19.17
N ALA B 290 0.55 14.04 17.98
CA ALA B 290 1.12 12.70 17.81
C ALA B 290 2.23 12.40 18.84
N GLU B 291 3.14 13.35 19.05
CA GLU B 291 4.16 13.25 20.09
C GLU B 291 3.58 13.22 21.51
N LEU B 292 2.65 14.12 21.80
CA LEU B 292 1.98 14.14 23.11
C LEU B 292 1.31 12.80 23.45
N MET B 293 0.79 12.10 22.43
CA MET B 293 0.05 10.89 22.66
C MET B 293 0.85 9.61 22.37
N LYS B 294 2.15 9.72 22.04
CA LYS B 294 2.88 8.54 21.52
C LYS B 294 2.95 7.33 22.48
N ASP B 295 2.96 7.58 23.79
CA ASP B 295 3.05 6.51 24.79
C ASP B 295 1.72 6.22 25.52
N LYS B 296 0.58 6.55 24.91
CA LYS B 296 -0.71 6.46 25.62
C LYS B 296 -1.55 5.20 25.35
N ASP B 297 -0.99 4.20 24.67
CA ASP B 297 -1.77 3.03 24.25
C ASP B 297 -2.35 2.28 25.45
N GLN B 298 -1.51 2.06 26.47
CA GLN B 298 -1.95 1.35 27.68
C GLN B 298 -3.02 2.17 28.41
N VAL B 299 -2.85 3.50 28.42
CA VAL B 299 -3.83 4.39 29.04
C VAL B 299 -5.19 4.25 28.34
N TRP B 300 -5.18 4.25 27.02
CA TRP B 300 -6.41 4.04 26.25
C TRP B 300 -7.02 2.66 26.57
N ASP B 301 -6.18 1.63 26.64
CA ASP B 301 -6.68 0.30 26.99
C ASP B 301 -7.43 0.39 28.32
N GLU B 302 -6.82 1.04 29.34
CA GLU B 302 -7.42 1.18 30.67
C GLU B 302 -8.77 1.87 30.60
N ILE B 303 -8.82 2.93 29.80
CA ILE B 303 -10.02 3.70 29.62
C ILE B 303 -11.11 2.80 29.01
N VAL B 304 -10.76 2.04 27.97
CA VAL B 304 -11.71 1.13 27.30
C VAL B 304 -12.30 0.14 28.29
N LYS B 305 -11.43 -0.43 29.12
CA LYS B 305 -11.85 -1.37 30.15
C LYS B 305 -12.75 -0.72 31.20
N LYS B 306 -12.32 0.40 31.78
CA LYS B 306 -13.11 1.05 32.87
C LYS B 306 -14.48 1.55 32.43
N ASN B 307 -14.58 1.98 31.19
CA ASN B 307 -15.82 2.49 30.65
C ASN B 307 -16.61 1.46 29.85
N ASN B 308 -16.09 0.23 29.77
CA ASN B 308 -16.69 -0.83 28.97
C ASN B 308 -16.99 -0.34 27.55
N LEU B 309 -15.96 0.17 26.89
CA LEU B 309 -16.09 0.62 25.52
C LEU B 309 -15.91 -0.55 24.57
N VAL B 310 -16.30 -0.35 23.32
CA VAL B 310 -15.95 -1.26 22.26
C VAL B 310 -14.41 -1.28 22.22
N PRO B 311 -13.77 -2.46 22.28
CA PRO B 311 -12.31 -2.42 22.31
C PRO B 311 -11.71 -1.88 21.03
N THR B 312 -10.91 -0.83 21.17
CA THR B 312 -10.18 -0.25 20.04
C THR B 312 -8.74 -0.04 20.45
N LYS B 313 -7.85 -0.19 19.48
CA LYS B 313 -6.46 0.18 19.67
C LYS B 313 -6.38 1.67 19.48
N LEU B 314 -5.56 2.33 20.30
CA LEU B 314 -5.43 3.79 20.23
C LEU B 314 -5.11 4.32 18.80
N LYS B 315 -4.17 3.69 18.10
CA LYS B 315 -3.79 4.18 16.77
C LYS B 315 -4.84 3.92 15.69
N GLU B 316 -5.81 3.06 15.98
CA GLU B 316 -6.86 2.78 15.01
C GLU B 316 -8.08 3.68 15.17
N ILE B 317 -8.45 4.00 16.40
CA ILE B 317 -9.57 4.95 16.65
C ILE B 317 -9.16 6.42 16.45
N ALA B 318 -7.91 6.73 16.76
CA ALA B 318 -7.40 8.08 16.66
C ALA B 318 -6.28 8.19 15.65
N ALA B 319 -6.25 9.33 14.95
CA ALA B 319 -5.20 9.67 13.99
C ALA B 319 -4.60 11.00 14.41
N PHE B 320 -3.75 10.99 15.43
CA PHE B 320 -3.21 12.26 15.98
C PHE B 320 -2.39 13.06 14.97
N TRP B 321 -1.66 12.36 14.10
CA TRP B 321 -0.96 12.98 12.97
C TRP B 321 -1.88 13.82 12.06
N PHE B 322 -3.13 13.37 11.90
CA PHE B 322 -4.11 14.02 11.07
C PHE B 322 -4.60 15.31 11.72
N ALA B 323 -4.81 15.27 13.05
CA ALA B 323 -5.13 16.49 13.81
C ALA B 323 -4.01 17.51 13.69
N ASP B 324 -2.76 17.05 13.70
CA ASP B 324 -1.63 17.94 13.51
C ASP B 324 -1.69 18.69 12.16
N ILE B 325 -2.03 17.98 11.09
CA ILE B 325 -2.20 18.60 9.78
C ILE B 325 -3.38 19.58 9.79
N ALA B 326 -4.51 19.19 10.36
CA ALA B 326 -5.64 20.09 10.45
C ALA B 326 -5.26 21.39 11.15
N PHE B 327 -4.45 21.26 12.20
CA PHE B 327 -4.07 22.41 13.01
C PHE B 327 -2.86 23.19 12.51
N CYS B 328 -2.37 22.89 11.30
CA CYS B 328 -1.47 23.81 10.62
C CYS B 328 -2.00 24.13 9.21
N SER B 329 -3.31 24.00 9.01
CA SER B 329 -3.92 24.30 7.74
C SER B 329 -4.77 25.55 7.86
N GLU B 330 -4.84 26.27 6.74
CA GLU B 330 -5.75 27.40 6.59
C GLU B 330 -6.03 27.61 5.11
N ASN B 331 -7.06 28.41 4.80
CA ASN B 331 -7.38 28.83 3.44
C ASN B 331 -7.86 27.68 2.56
N LEU B 332 -8.57 26.74 3.16
CA LEU B 332 -9.05 25.54 2.47
C LEU B 332 -10.55 25.45 2.24
N ILE B 333 -11.25 26.57 2.37
CA ILE B 333 -12.74 26.57 2.18
C ILE B 333 -13.12 26.14 0.76
N SER B 334 -14.13 25.29 0.64
CA SER B 334 -14.63 24.84 -0.65
C SER B 334 -16.06 25.37 -0.87
N SER B 335 -16.43 25.51 -2.13
CA SER B 335 -17.74 26.04 -2.48
C SER B 335 -18.74 24.94 -2.70
N MET B 336 -19.96 25.14 -2.20
CA MET B 336 -21.10 24.30 -2.54
C MET B 336 -22.06 24.86 -3.59
N ASN B 337 -21.67 25.93 -4.27
CA ASN B 337 -22.60 26.57 -5.19
C ASN B 337 -23.00 25.65 -6.31
N LYS B 338 -22.05 24.90 -6.85
CA LYS B 338 -22.40 24.02 -7.98
C LYS B 338 -23.51 23.05 -7.61
N SER B 339 -23.38 22.41 -6.44
CA SER B 339 -24.35 21.42 -6.02
C SER B 339 -25.69 22.08 -5.75
N LYS B 340 -25.66 23.24 -5.10
CA LYS B 340 -26.90 23.99 -4.86
C LYS B 340 -27.60 24.42 -6.12
N GLU B 341 -26.82 24.88 -7.09
CA GLU B 341 -27.38 25.29 -8.39
C GLU B 341 -27.96 24.11 -9.16
N LEU B 342 -27.42 22.91 -8.94
CA LEU B 342 -28.01 21.66 -9.50
C LEU B 342 -29.18 21.13 -8.69
N GLY B 343 -29.51 21.78 -7.58
CA GLY B 343 -30.72 21.45 -6.77
C GLY B 343 -30.49 20.69 -5.47
N PHE B 344 -29.24 20.39 -5.13
CA PHE B 344 -28.94 19.75 -3.84
C PHE B 344 -28.85 20.81 -2.74
N LEU B 345 -29.85 20.85 -1.87
CA LEU B 345 -29.90 21.88 -0.80
C LEU B 345 -29.66 21.28 0.59
N GLY B 346 -29.09 20.07 0.65
CA GLY B 346 -28.70 19.48 1.92
C GLY B 346 -27.61 20.31 2.59
N PHE B 347 -27.71 20.47 3.91
CA PHE B 347 -26.73 21.21 4.72
C PHE B 347 -26.71 20.67 6.16
N ARG B 348 -25.70 21.06 6.92
CA ARG B 348 -25.67 20.91 8.36
C ARG B 348 -25.06 22.14 9.02
N ASN B 349 -25.53 22.46 10.21
CA ASN B 349 -24.86 23.40 11.14
C ASN B 349 -23.63 22.63 11.67
N SER B 350 -22.45 23.07 11.26
CA SER B 350 -21.19 22.36 11.58
C SER B 350 -20.89 22.24 13.08
N MET B 351 -21.24 23.25 13.86
CA MET B 351 -21.13 23.19 15.32
C MET B 351 -22.05 22.10 15.89
N LYS B 352 -23.28 22.03 15.39
CA LYS B 352 -24.21 20.95 15.77
C LYS B 352 -23.81 19.55 15.26
N SER B 353 -23.24 19.51 14.05
N SER B 353 -23.22 19.49 14.08
CA SER B 353 -22.70 18.28 13.43
CA SER B 353 -22.74 18.23 13.54
C SER B 353 -21.58 17.70 14.30
C SER B 353 -21.59 17.68 14.38
N PHE B 354 -20.70 18.55 14.82
CA PHE B 354 -19.54 18.13 15.60
C PHE B 354 -20.03 17.47 16.88
N VAL B 355 -21.03 18.07 17.51
CA VAL B 355 -21.62 17.56 18.73
C VAL B 355 -22.40 16.27 18.48
N SER B 356 -23.13 16.22 17.38
CA SER B 356 -23.87 15.02 16.99
C SER B 356 -22.93 13.79 16.78
N CYS B 357 -21.75 14.04 16.23
CA CYS B 357 -20.74 13.01 16.10
C CYS B 357 -20.23 12.54 17.45
N ILE B 358 -19.96 13.46 18.38
CA ILE B 358 -19.63 13.06 19.76
C ILE B 358 -20.73 12.21 20.37
N ASP B 359 -21.97 12.69 20.29
CA ASP B 359 -23.14 11.96 20.81
C ASP B 359 -23.21 10.55 20.23
N LYS B 360 -23.04 10.44 18.91
CA LYS B 360 -23.18 9.18 18.21
C LYS B 360 -22.06 8.20 18.62
N MET B 361 -20.83 8.71 18.72
CA MET B 361 -19.72 7.84 19.17
C MET B 361 -19.90 7.33 20.60
N ARG B 362 -20.52 8.14 21.46
CA ARG B 362 -20.88 7.73 22.81
C ARG B 362 -22.00 6.70 22.81
N ASP B 363 -23.05 6.90 22.02
N ASP B 363 -23.01 6.94 21.98
CA ASP B 363 -24.14 5.90 21.87
CA ASP B 363 -24.11 6.03 21.73
C ASP B 363 -23.63 4.53 21.45
C ASP B 363 -23.59 4.64 21.35
N TYR B 364 -22.65 4.53 20.55
N TYR B 364 -22.64 4.62 20.41
CA TYR B 364 -22.06 3.31 19.99
CA TYR B 364 -22.01 3.37 19.96
C TYR B 364 -21.04 2.69 20.96
C TYR B 364 -21.06 2.70 20.97
N ARG B 365 -20.76 3.40 22.07
CA ARG B 365 -19.79 2.99 23.06
C ARG B 365 -18.34 2.91 22.53
N PHE B 366 -18.04 3.75 21.54
CA PHE B 366 -16.66 3.91 21.06
C PHE B 366 -15.88 4.85 21.98
N ILE B 367 -16.60 5.77 22.62
CA ILE B 367 -16.02 6.80 23.47
C ILE B 367 -16.88 6.92 24.72
N PRO B 368 -16.31 7.31 25.88
CA PRO B 368 -17.17 7.50 27.08
C PRO B 368 -18.03 8.77 27.07
#